data_5GL5
#
_entry.id   5GL5
#
_cell.length_a   69.660
_cell.length_b   80.562
_cell.length_c   154.587
_cell.angle_alpha   90.00
_cell.angle_beta   90.00
_cell.angle_gamma   90.00
#
_symmetry.space_group_name_H-M   'P 21 21 21'
#
loop_
_entity.id
_entity.type
_entity.pdbx_description
1 polymer 'Sterol 3-beta-glucosyltransferase'
2 non-polymer "URIDINE-5'-DIPHOSPHATE-GLUCOSE"
3 water water
#
_entity_poly.entity_id   1
_entity_poly.type   'polypeptide(L)'
_entity_poly.pdbx_seq_one_letter_code
;MGSSHHHHHHSSGLVPRGSHMLMIDENPHYKTSIKPNKSYKFGLLTIGSRGDVQPYIALGKGLIKEGHQVVIITHSEFRD
FVESHGIQFEEIAGNPVELMSLMVENESMNVKMLREASSKFRGWIDALLQTSWEVCNRRKFDILIESPSAMVGIHITEAL
QIPYFRAFTMPWTRTRAYPHAFIVPDQKRGGNYNYLTHVLFENVFWKGISGQVNKWRVETLGLGKTNLFLLQQNNVPFLY
NVSPTIFPPSIDFSEWVRVTGYWFLDDKSTFKPPAELQEFISEARSKGKKLVYIGFGSIVVSNAKEMTEALVEAVMEADV
YCILNKGWSERLGDKAAKKTEVDLPRNILNIGNVPHDWLFPQVDAAVHHGGSGTTGASLRAGLPTVIKPFFGDQFFYAGR
VEDIGVGIALKKLNAQTLADALKVATTNKIMKDRAGLIKKKISKEDGIKTAISAIYNELEYARSVTLSRVKTPRKKEENV
DATKLTPAETTDEGWTMI
;
_entity_poly.pdbx_strand_id   A,B
#
loop_
_chem_comp.id
_chem_comp.type
_chem_comp.name
_chem_comp.formula
UPG non-polymer URIDINE-5'-DIPHOSPHATE-GLUCOSE 'C15 H24 N2 O17 P2'
#
# COMPACT_ATOMS: atom_id res chain seq x y z
N ASN A 37 23.83 26.61 23.83
CA ASN A 37 24.03 27.12 25.22
C ASN A 37 25.41 26.79 25.82
N LYS A 38 25.86 25.52 25.76
CA LYS A 38 27.22 25.13 26.29
C LYS A 38 27.64 23.75 25.68
N SER A 39 28.88 23.27 25.83
CA SER A 39 29.40 22.11 25.04
C SER A 39 28.89 20.70 25.43
N TYR A 40 28.09 20.12 24.53
CA TYR A 40 27.54 18.80 24.69
C TYR A 40 28.14 17.77 23.74
N LYS A 41 28.09 16.53 24.17
CA LYS A 41 28.47 15.39 23.37
C LYS A 41 27.18 14.83 22.75
N PHE A 42 27.03 15.07 21.46
CA PHE A 42 25.91 14.49 20.66
C PHE A 42 26.25 13.16 20.09
N GLY A 43 25.31 12.20 20.18
CA GLY A 43 25.37 11.01 19.35
C GLY A 43 24.23 11.12 18.35
N LEU A 44 24.59 10.99 17.06
CA LEU A 44 23.61 11.07 15.99
C LEU A 44 23.50 9.69 15.34
N LEU A 45 22.38 9.03 15.55
CA LEU A 45 22.28 7.61 15.20
C LEU A 45 21.30 7.34 14.08
N THR A 46 21.77 6.67 13.04
CA THR A 46 20.90 6.33 11.95
C THR A 46 21.33 5.07 11.22
N ILE A 47 20.35 4.39 10.63
CA ILE A 47 20.57 3.26 9.76
C ILE A 47 20.01 3.61 8.42
N GLY A 48 20.48 2.96 7.38
CA GLY A 48 19.88 3.14 6.08
C GLY A 48 20.94 3.37 5.06
N SER A 49 20.60 4.25 4.14
CA SER A 49 21.44 4.54 2.97
C SER A 49 22.03 5.96 3.09
N ARG A 50 22.73 6.38 2.04
CA ARG A 50 23.26 7.73 1.98
C ARG A 50 22.33 8.85 2.43
N GLY A 51 21.07 8.78 2.05
CA GLY A 51 20.10 9.82 2.38
C GLY A 51 19.69 9.81 3.81
N ASP A 52 19.95 8.72 4.53
CA ASP A 52 19.71 8.74 5.94
C ASP A 52 20.94 9.39 6.63
N VAL A 53 22.14 9.30 6.04
CA VAL A 53 23.37 9.71 6.69
C VAL A 53 23.77 11.12 6.35
N GLN A 54 23.65 11.50 5.07
CA GLN A 54 24.10 12.83 4.66
C GLN A 54 23.50 14.01 5.46
N PRO A 55 22.18 14.00 5.75
CA PRO A 55 21.63 15.15 6.54
C PRO A 55 22.27 15.26 7.94
N TYR A 56 22.58 14.12 8.56
CA TYR A 56 23.24 14.11 9.86
C TYR A 56 24.66 14.60 9.81
N ILE A 57 25.35 14.36 8.70
CA ILE A 57 26.63 15.02 8.48
C ILE A 57 26.45 16.52 8.47
N ALA A 58 25.50 17.03 7.70
CA ALA A 58 25.27 18.48 7.64
C ALA A 58 24.95 19.04 9.04
N LEU A 59 24.06 18.37 9.77
CA LEU A 59 23.71 18.81 11.13
C LEU A 59 24.94 18.70 12.08
N GLY A 60 25.68 17.61 11.97
CA GLY A 60 26.90 17.44 12.76
C GLY A 60 27.94 18.52 12.58
N LYS A 61 28.16 18.92 11.34
CA LYS A 61 29.07 20.01 11.05
C LYS A 61 28.59 21.28 11.74
N GLY A 62 27.30 21.57 11.62
CA GLY A 62 26.69 22.73 12.29
C GLY A 62 26.82 22.71 13.78
N LEU A 63 26.65 21.56 14.40
CA LEU A 63 26.82 21.41 15.87
C LEU A 63 28.27 21.58 16.30
N ILE A 64 29.19 21.05 15.52
CA ILE A 64 30.62 21.26 15.79
C ILE A 64 30.93 22.77 15.78
N LYS A 65 30.38 23.51 14.84
CA LYS A 65 30.63 24.93 14.76
C LYS A 65 29.96 25.73 15.90
N GLU A 66 29.00 25.14 16.56
CA GLU A 66 28.41 25.67 17.78
C GLU A 66 29.16 25.24 19.03
N GLY A 67 30.30 24.57 18.87
CA GLY A 67 31.14 24.27 20.00
C GLY A 67 30.93 22.88 20.59
N HIS A 68 30.10 22.05 19.97
CA HIS A 68 29.77 20.77 20.56
C HIS A 68 30.65 19.64 19.97
N GLN A 69 30.57 18.49 20.60
CA GLN A 69 31.22 17.29 20.11
C GLN A 69 30.17 16.36 19.45
N VAL A 70 30.53 15.73 18.34
CA VAL A 70 29.56 14.95 17.58
C VAL A 70 30.13 13.61 17.14
N VAL A 71 29.37 12.54 17.39
CA VAL A 71 29.64 11.26 16.82
C VAL A 71 28.44 10.84 16.00
N ILE A 72 28.67 10.47 14.74
CA ILE A 72 27.65 9.83 13.93
C ILE A 72 27.80 8.31 14.05
N ILE A 73 26.68 7.65 14.37
CA ILE A 73 26.65 6.23 14.64
C ILE A 73 25.84 5.53 13.53
N THR A 74 26.55 4.83 12.64
CA THR A 74 25.91 4.24 11.51
C THR A 74 26.78 3.10 10.96
N HIS A 75 26.48 2.65 9.76
CA HIS A 75 27.14 1.46 9.18
C HIS A 75 28.55 1.77 8.71
N SER A 76 29.43 0.75 8.80
CA SER A 76 30.84 0.85 8.40
C SER A 76 31.06 1.45 7.03
N GLU A 77 30.17 1.17 6.08
CA GLU A 77 30.25 1.67 4.68
C GLU A 77 30.38 3.22 4.63
N PHE A 78 29.84 3.93 5.62
CA PHE A 78 29.82 5.38 5.67
C PHE A 78 30.93 6.03 6.52
N ARG A 79 31.82 5.22 7.12
CA ARG A 79 32.93 5.79 7.89
C ARG A 79 33.74 6.89 7.16
N ASP A 80 34.25 6.58 5.96
CA ASP A 80 35.08 7.56 5.21
C ASP A 80 34.34 8.84 4.90
N PHE A 81 33.08 8.71 4.48
CA PHE A 81 32.20 9.86 4.22
C PHE A 81 32.08 10.75 5.49
N VAL A 82 31.75 10.15 6.61
CA VAL A 82 31.59 10.89 7.85
C VAL A 82 32.94 11.55 8.26
N GLU A 83 34.01 10.79 8.23
CA GLU A 83 35.31 11.30 8.68
C GLU A 83 35.91 12.36 7.74
N SER A 84 35.56 12.30 6.46
CA SER A 84 36.01 13.30 5.49
C SER A 84 35.41 14.67 5.78
N HIS A 85 34.32 14.72 6.54
CA HIS A 85 33.71 15.97 6.96
C HIS A 85 34.06 16.40 8.41
N GLY A 86 35.06 15.79 9.03
CA GLY A 86 35.54 16.17 10.35
C GLY A 86 34.69 15.72 11.52
N ILE A 87 33.87 14.70 11.31
CA ILE A 87 32.97 14.17 12.34
C ILE A 87 33.50 12.80 12.79
N GLN A 88 33.30 12.48 14.05
CA GLN A 88 33.69 11.16 14.59
C GLN A 88 32.66 10.14 14.20
N PHE A 89 33.10 8.90 14.04
CA PHE A 89 32.27 7.81 13.60
C PHE A 89 32.33 6.67 14.59
N GLU A 90 31.19 6.04 14.82
CA GLU A 90 31.10 4.76 15.51
C GLU A 90 30.22 3.80 14.66
N GLU A 91 30.67 2.55 14.54
CA GLU A 91 29.98 1.55 13.73
C GLU A 91 28.82 0.89 14.47
N ILE A 92 27.65 0.78 13.83
CA ILE A 92 26.62 -0.16 14.28
C ILE A 92 26.22 -1.07 13.14
N ALA A 93 25.58 -2.17 13.50
CA ALA A 93 25.03 -3.09 12.52
C ALA A 93 23.67 -2.52 12.02
N GLY A 94 22.75 -3.35 11.58
CA GLY A 94 21.41 -2.87 11.19
C GLY A 94 21.36 -2.29 9.76
N ASN A 95 22.29 -2.72 8.89
CA ASN A 95 22.31 -2.22 7.52
C ASN A 95 21.16 -2.85 6.73
N PRO A 96 20.17 -2.05 6.28
CA PRO A 96 19.02 -2.67 5.57
C PRO A 96 19.36 -3.38 4.29
N VAL A 97 20.50 -3.08 3.67
CA VAL A 97 20.93 -3.88 2.48
C VAL A 97 20.98 -5.41 2.78
N GLU A 98 21.35 -5.79 3.99
CA GLU A 98 21.39 -7.22 4.35
C GLU A 98 20.02 -7.90 4.18
N LEU A 99 18.96 -7.22 4.60
CA LEU A 99 17.57 -7.71 4.47
C LEU A 99 17.05 -7.67 3.01
N MET A 100 17.29 -6.57 2.29
CA MET A 100 16.99 -6.51 0.85
C MET A 100 17.63 -7.69 0.06
N SER A 101 18.89 -8.00 0.41
CA SER A 101 19.63 -9.09 -0.21
C SER A 101 18.93 -10.44 -0.12
N LEU A 102 18.27 -10.75 0.99
CA LEU A 102 17.55 -12.02 1.11
C LEU A 102 16.22 -12.04 0.33
N MET A 103 15.54 -10.91 0.23
CA MET A 103 14.27 -10.83 -0.55
C MET A 103 14.50 -10.98 -2.06
N VAL A 104 15.63 -10.54 -2.56
CA VAL A 104 15.91 -10.66 -3.99
C VAL A 104 16.36 -12.08 -4.33
N GLU A 105 17.47 -12.51 -3.73
CA GLU A 105 18.28 -13.71 -4.15
C GLU A 105 17.90 -15.09 -3.56
N ASN A 106 17.23 -15.14 -2.40
CA ASN A 106 16.83 -16.44 -1.81
C ASN A 106 15.77 -17.14 -2.69
N GLU A 107 16.16 -18.28 -3.25
CA GLU A 107 15.32 -19.03 -4.18
C GLU A 107 15.15 -20.48 -3.71
N SER A 108 15.18 -20.71 -2.40
CA SER A 108 14.82 -22.00 -1.88
C SER A 108 13.29 -22.06 -1.79
N MET A 109 12.81 -23.25 -1.52
CA MET A 109 11.40 -23.51 -1.34
C MET A 109 10.77 -22.58 -0.26
N ASN A 110 9.55 -22.15 -0.57
CA ASN A 110 8.72 -21.18 0.19
C ASN A 110 8.97 -21.12 1.73
N VAL A 111 8.66 -22.24 2.41
CA VAL A 111 8.75 -22.24 3.87
C VAL A 111 10.20 -22.07 4.32
N LYS A 112 11.17 -22.66 3.60
CA LYS A 112 12.59 -22.49 3.88
C LYS A 112 13.02 -21.05 3.76
N MET A 113 12.67 -20.40 2.65
CA MET A 113 12.97 -18.97 2.48
C MET A 113 12.38 -18.17 3.62
N LEU A 114 11.13 -18.47 4.04
CA LEU A 114 10.51 -17.73 5.17
C LEU A 114 11.27 -17.94 6.51
N ARG A 115 11.67 -19.19 6.77
CA ARG A 115 12.45 -19.48 7.96
C ARG A 115 13.79 -18.76 7.90
N GLU A 116 14.47 -18.84 6.76
CA GLU A 116 15.74 -18.17 6.60
C GLU A 116 15.60 -16.67 6.69
N ALA A 117 14.57 -16.11 6.09
CA ALA A 117 14.32 -14.66 6.25
C ALA A 117 14.03 -14.24 7.68
N SER A 118 13.19 -14.99 8.40
CA SER A 118 12.86 -14.62 9.80
C SER A 118 14.13 -14.69 10.64
N SER A 119 14.94 -15.71 10.44
CA SER A 119 16.13 -15.89 11.27
C SER A 119 17.15 -14.84 10.98
N LYS A 120 17.37 -14.52 9.71
CA LYS A 120 18.24 -13.41 9.37
C LYS A 120 17.73 -12.12 9.97
N PHE A 121 16.41 -11.86 9.87
CA PHE A 121 15.84 -10.66 10.43
C PHE A 121 16.07 -10.56 11.94
N ARG A 122 15.76 -11.66 12.66
CA ARG A 122 15.97 -11.68 14.11
C ARG A 122 17.44 -11.43 14.51
N GLY A 123 18.39 -12.00 13.75
CA GLY A 123 19.85 -11.84 13.97
C GLY A 123 20.29 -10.41 13.68
N TRP A 124 19.69 -9.81 12.67
CA TRP A 124 19.99 -8.41 12.32
C TRP A 124 19.44 -7.42 13.37
N ILE A 125 18.25 -7.65 13.87
CA ILE A 125 17.71 -6.85 15.00
C ILE A 125 18.64 -7.02 16.22
N ASP A 126 18.98 -8.26 16.59
CA ASP A 126 19.84 -8.52 17.76
C ASP A 126 21.15 -7.76 17.65
N ALA A 127 21.82 -7.83 16.51
CA ALA A 127 23.08 -7.15 16.29
C ALA A 127 22.94 -5.63 16.37
N LEU A 128 21.83 -5.07 15.86
CA LEU A 128 21.56 -3.64 15.98
C LEU A 128 21.39 -3.21 17.41
N LEU A 129 20.60 -3.99 18.17
CA LEU A 129 20.38 -3.73 19.58
C LEU A 129 21.69 -3.77 20.34
N GLN A 130 22.51 -4.78 20.11
CA GLN A 130 23.70 -4.99 20.92
C GLN A 130 24.81 -4.00 20.56
N THR A 131 25.03 -3.77 19.26
CA THR A 131 26.05 -2.80 18.86
C THR A 131 25.68 -1.36 19.27
N SER A 132 24.41 -0.96 19.14
CA SER A 132 24.02 0.40 19.45
C SER A 132 24.16 0.66 20.99
N TRP A 133 23.81 -0.34 21.81
CA TRP A 133 23.97 -0.20 23.26
C TRP A 133 25.43 -0.16 23.62
N GLU A 134 26.25 -1.00 22.99
CA GLU A 134 27.68 -0.99 23.30
C GLU A 134 28.29 0.39 23.00
N VAL A 135 27.94 1.00 21.87
CA VAL A 135 28.47 2.33 21.54
C VAL A 135 28.00 3.39 22.53
N CYS A 136 26.73 3.47 22.74
CA CYS A 136 26.13 4.49 23.59
C CYS A 136 26.56 4.36 25.03
N ASN A 137 26.63 3.15 25.53
CA ASN A 137 26.95 2.95 26.94
C ASN A 137 28.45 3.22 27.20
N ARG A 138 29.26 3.05 26.18
CA ARG A 138 30.70 3.37 26.25
C ARG A 138 30.94 4.87 26.08
N ARG A 139 30.31 5.51 25.08
CA ARG A 139 30.58 6.92 24.80
C ARG A 139 29.96 7.91 25.80
N LYS A 140 28.86 7.57 26.45
CA LYS A 140 28.18 8.46 27.40
C LYS A 140 27.84 9.79 26.79
N PHE A 141 27.04 9.75 25.74
CA PHE A 141 26.52 10.95 25.14
C PHE A 141 25.67 11.73 26.16
N ASP A 142 25.71 13.04 26.04
CA ASP A 142 24.80 13.95 26.72
C ASP A 142 23.42 13.96 26.04
N ILE A 143 23.42 13.87 24.71
CA ILE A 143 22.20 13.99 23.90
C ILE A 143 22.22 13.00 22.74
N LEU A 144 21.12 12.27 22.51
CA LEU A 144 20.97 11.39 21.40
C LEU A 144 19.87 11.84 20.46
N ILE A 145 20.24 11.96 19.17
CA ILE A 145 19.28 12.29 18.10
C ILE A 145 19.29 11.09 17.16
N GLU A 146 18.13 10.54 16.83
CA GLU A 146 18.08 9.30 16.10
C GLU A 146 16.99 9.36 15.05
N SER A 147 17.21 8.69 13.92
CA SER A 147 16.11 8.39 13.00
C SER A 147 15.30 7.28 13.63
N PRO A 148 13.97 7.42 13.68
CA PRO A 148 13.19 6.40 14.40
C PRO A 148 13.12 5.04 13.68
N SER A 149 13.51 4.98 12.40
CA SER A 149 13.66 3.68 11.75
C SER A 149 14.72 2.82 12.46
N ALA A 150 15.65 3.45 13.21
CA ALA A 150 16.70 2.70 13.94
C ALA A 150 16.25 2.03 15.21
N MET A 151 15.04 2.34 15.70
CA MET A 151 14.38 1.64 16.81
C MET A 151 14.94 1.81 18.21
N VAL A 152 16.25 1.83 18.33
CA VAL A 152 16.91 1.67 19.65
C VAL A 152 16.88 2.91 20.62
N GLY A 153 16.78 4.12 20.06
CA GLY A 153 17.08 5.33 20.77
C GLY A 153 16.19 5.61 21.98
N ILE A 154 14.91 5.33 21.84
CA ILE A 154 13.98 5.62 22.93
C ILE A 154 14.29 4.73 24.16
N HIS A 155 14.84 3.55 23.93
CA HIS A 155 15.19 2.57 25.01
C HIS A 155 16.54 2.93 25.64
N ILE A 156 17.53 3.20 24.78
CA ILE A 156 18.85 3.54 25.23
C ILE A 156 18.87 4.84 26.07
N THR A 157 18.15 5.87 25.60
CA THR A 157 18.07 7.12 26.33
C THR A 157 17.37 6.96 27.68
N GLU A 158 16.39 6.07 27.74
CA GLU A 158 15.71 5.73 29.01
C GLU A 158 16.72 5.11 30.02
N ALA A 159 17.53 4.17 29.54
CA ALA A 159 18.53 3.53 30.39
C ALA A 159 19.61 4.48 30.85
N LEU A 160 20.05 5.36 29.96
CA LEU A 160 21.10 6.35 30.30
C LEU A 160 20.60 7.66 30.92
N GLN A 161 19.27 7.89 30.89
CA GLN A 161 18.62 9.07 31.44
C GLN A 161 19.09 10.36 30.78
N ILE A 162 19.06 10.34 29.47
CA ILE A 162 19.48 11.50 28.68
C ILE A 162 18.41 11.99 27.74
N PRO A 163 18.47 13.29 27.38
CA PRO A 163 17.56 13.85 26.39
C PRO A 163 17.68 13.17 25.04
N TYR A 164 16.53 13.01 24.42
CA TYR A 164 16.30 12.25 23.20
C TYR A 164 15.50 13.08 22.22
N PHE A 165 15.98 13.13 20.96
CA PHE A 165 15.28 13.71 19.86
C PHE A 165 15.20 12.72 18.70
N ARG A 166 14.06 12.74 18.01
CA ARG A 166 13.95 12.06 16.72
C ARG A 166 14.05 13.09 15.57
N ALA A 167 14.56 12.63 14.45
CA ALA A 167 14.64 13.41 13.24
C ALA A 167 14.38 12.47 12.05
N PHE A 168 13.66 12.94 11.04
CA PHE A 168 13.42 12.07 9.89
C PHE A 168 12.93 12.90 8.69
N THR A 169 12.94 12.29 7.51
CA THR A 169 12.69 12.98 6.27
C THR A 169 11.40 12.50 5.55
N MET A 170 10.53 11.82 6.28
CA MET A 170 9.27 11.35 5.72
C MET A 170 8.22 11.29 6.83
N PRO A 171 6.93 11.30 6.48
CA PRO A 171 5.91 11.38 7.53
C PRO A 171 5.94 10.17 8.43
N TRP A 172 6.03 10.42 9.73
CA TRP A 172 6.18 9.39 10.71
C TRP A 172 5.52 9.66 12.06
N THR A 173 4.79 10.74 12.20
CA THR A 173 4.10 11.07 13.46
C THR A 173 2.63 11.08 13.13
N ARG A 174 1.80 10.81 14.12
CA ARG A 174 0.34 10.75 13.90
C ARG A 174 -0.20 12.06 13.44
N THR A 175 -0.90 12.06 12.33
CA THR A 175 -1.49 13.28 11.83
C THR A 175 -2.54 12.89 10.81
N ARG A 176 -3.53 13.74 10.66
CA ARG A 176 -4.49 13.62 9.59
C ARG A 176 -3.96 14.18 8.24
N ALA A 177 -2.91 14.98 8.26
CA ALA A 177 -2.52 15.72 7.03
C ALA A 177 -1.84 14.82 6.02
N TYR A 178 -1.14 13.79 6.51
CA TYR A 178 -0.35 12.93 5.66
C TYR A 178 -0.46 11.49 6.15
N PRO A 179 -0.54 10.53 5.21
CA PRO A 179 -0.48 9.12 5.62
C PRO A 179 0.96 8.78 6.07
N HIS A 180 1.09 7.66 6.76
CA HIS A 180 2.41 7.15 7.07
C HIS A 180 3.20 6.88 5.80
N ALA A 181 4.48 7.22 5.84
CA ALA A 181 5.40 7.10 4.71
C ALA A 181 5.42 5.75 4.00
N PHE A 182 5.19 4.68 4.75
CA PHE A 182 5.22 3.32 4.21
C PHE A 182 3.85 2.76 3.87
N ILE A 183 2.78 3.55 4.07
CA ILE A 183 1.40 3.12 3.80
C ILE A 183 0.69 4.24 2.98
N VAL A 184 1.37 4.75 1.97
CA VAL A 184 0.79 5.81 1.14
C VAL A 184 -0.22 5.18 0.21
N PRO A 185 -1.48 5.67 0.25
CA PRO A 185 -2.49 5.09 -0.67
C PRO A 185 -2.22 5.47 -2.13
N ASP A 186 -2.78 4.68 -3.04
CA ASP A 186 -2.67 4.93 -4.48
C ASP A 186 -3.07 6.39 -4.87
N GLN A 187 -4.19 6.88 -4.34
CA GLN A 187 -4.56 8.30 -4.41
C GLN A 187 -5.00 8.77 -3.03
N LYS A 188 -5.06 10.09 -2.86
CA LYS A 188 -5.35 10.66 -1.55
C LYS A 188 -6.67 10.18 -0.96
N ARG A 189 -6.66 9.93 0.34
CA ARG A 189 -7.83 9.55 1.10
C ARG A 189 -8.04 10.64 2.17
N GLY A 190 -9.07 10.48 2.99
CA GLY A 190 -9.37 11.53 3.97
C GLY A 190 -8.41 11.54 5.14
N GLY A 191 -8.57 12.53 6.00
CA GLY A 191 -7.76 12.67 7.18
C GLY A 191 -7.86 11.52 8.19
N ASN A 192 -9.04 10.95 8.36
CA ASN A 192 -9.14 9.84 9.34
C ASN A 192 -8.35 8.61 8.83
N TYR A 193 -8.42 8.38 7.53
CA TYR A 193 -7.62 7.30 6.91
C TYR A 193 -6.13 7.55 7.16
N ASN A 194 -5.63 8.76 6.87
CA ASN A 194 -4.24 9.10 7.12
C ASN A 194 -3.85 8.82 8.57
N TYR A 195 -4.65 9.34 9.50
CA TYR A 195 -4.38 9.13 10.93
C TYR A 195 -4.28 7.67 11.25
N LEU A 196 -5.19 6.90 10.73
CA LEU A 196 -5.25 5.44 11.01
C LEU A 196 -4.06 4.68 10.40
N THR A 197 -3.50 5.14 9.26
CA THR A 197 -2.27 4.53 8.78
C THR A 197 -1.14 4.68 9.77
N HIS A 198 -1.05 5.84 10.46
CA HIS A 198 -0.04 6.02 11.46
C HIS A 198 -0.25 5.11 12.67
N VAL A 199 -1.48 4.97 13.11
CA VAL A 199 -1.77 4.09 14.27
C VAL A 199 -1.42 2.65 13.89
N LEU A 200 -1.79 2.25 12.68
CA LEU A 200 -1.50 0.88 12.26
C LEU A 200 -0.01 0.69 12.20
N PHE A 201 0.72 1.59 11.57
CA PHE A 201 2.16 1.44 11.43
C PHE A 201 2.87 1.35 12.77
N GLU A 202 2.53 2.24 13.69
CA GLU A 202 3.18 2.23 15.03
C GLU A 202 2.97 0.89 15.75
N ASN A 203 1.78 0.34 15.61
CA ASN A 203 1.47 -0.98 16.20
C ASN A 203 2.16 -2.13 15.54
N VAL A 204 2.21 -2.13 14.22
CA VAL A 204 2.92 -3.19 13.45
C VAL A 204 4.41 -3.17 13.74
N PHE A 205 5.00 -2.00 13.67
CA PHE A 205 6.41 -1.83 13.95
C PHE A 205 6.79 -2.30 15.36
N TRP A 206 6.06 -1.81 16.36
CA TRP A 206 6.35 -2.18 17.74
C TRP A 206 6.18 -3.69 17.94
N LYS A 207 5.04 -4.23 17.54
CA LYS A 207 4.75 -5.61 17.82
C LYS A 207 5.65 -6.53 17.01
N GLY A 208 6.16 -6.09 15.88
CA GLY A 208 7.17 -6.87 15.16
C GLY A 208 8.50 -7.05 15.91
N ILE A 209 8.90 -6.09 16.74
CA ILE A 209 10.18 -6.14 17.48
C ILE A 209 10.07 -6.24 18.98
N SER A 210 8.86 -6.17 19.54
CA SER A 210 8.68 -5.98 20.99
C SER A 210 9.26 -7.16 21.79
N GLY A 211 9.10 -8.38 21.29
CA GLY A 211 9.69 -9.57 21.94
C GLY A 211 11.21 -9.43 22.17
N GLN A 212 11.93 -9.17 21.09
CA GLN A 212 13.39 -8.96 21.16
C GLN A 212 13.79 -7.71 21.95
N VAL A 213 13.08 -6.61 21.73
CA VAL A 213 13.40 -5.37 22.42
C VAL A 213 13.21 -5.54 23.92
N ASN A 214 12.12 -6.16 24.34
CA ASN A 214 11.88 -6.32 25.78
C ASN A 214 12.89 -7.25 26.44
N LYS A 215 13.36 -8.26 25.71
CA LYS A 215 14.41 -9.11 26.25
C LYS A 215 15.69 -8.33 26.46
N TRP A 216 16.02 -7.45 25.52
CA TRP A 216 17.21 -6.65 25.60
C TRP A 216 17.09 -5.58 26.66
N ARG A 217 15.92 -4.96 26.74
CA ARG A 217 15.67 -4.02 27.81
C ARG A 217 15.93 -4.61 29.17
N VAL A 218 15.42 -5.81 29.42
CA VAL A 218 15.54 -6.48 30.72
C VAL A 218 16.97 -7.02 30.94
N GLU A 219 17.46 -7.85 30.02
CA GLU A 219 18.74 -8.55 30.23
C GLU A 219 19.94 -7.64 30.08
N THR A 220 19.86 -6.62 29.24
CA THR A 220 21.02 -5.83 28.90
C THR A 220 20.98 -4.38 29.37
N LEU A 221 19.87 -3.70 29.16
CA LEU A 221 19.76 -2.32 29.55
C LEU A 221 19.44 -2.08 31.03
N GLY A 222 18.97 -3.11 31.73
CA GLY A 222 18.57 -2.99 33.13
C GLY A 222 17.23 -2.34 33.35
N LEU A 223 16.35 -2.33 32.34
CA LEU A 223 15.05 -1.70 32.45
C LEU A 223 13.99 -2.73 32.63
N GLY A 224 12.75 -2.31 32.84
CA GLY A 224 11.57 -3.21 32.84
C GLY A 224 11.04 -3.30 31.42
N LYS A 225 10.06 -4.17 31.19
CA LYS A 225 9.46 -4.32 29.86
C LYS A 225 8.61 -3.12 29.58
N THR A 226 8.38 -2.82 28.32
CA THR A 226 7.55 -1.69 27.95
C THR A 226 6.52 -2.07 26.90
N ASN A 227 5.69 -1.09 26.53
CA ASN A 227 4.67 -1.28 25.48
C ASN A 227 4.39 0.15 24.99
N LEU A 228 3.51 0.27 24.02
CA LEU A 228 3.27 1.57 23.38
C LEU A 228 2.72 2.60 24.35
N PHE A 229 1.87 2.14 25.26
CA PHE A 229 1.34 3.03 26.29
C PHE A 229 2.45 3.65 27.14
N LEU A 230 3.39 2.83 27.60
CA LEU A 230 4.53 3.34 28.40
C LEU A 230 5.50 4.17 27.59
N LEU A 231 5.71 3.83 26.33
CA LEU A 231 6.72 4.58 25.53
C LEU A 231 6.28 6.00 25.24
N GLN A 232 4.97 6.22 25.04
CA GLN A 232 4.40 7.55 24.73
C GLN A 232 5.28 8.22 23.65
N GLN A 233 5.55 7.49 22.57
CA GLN A 233 6.48 7.92 21.51
C GLN A 233 6.09 9.27 20.91
N ASN A 234 4.78 9.56 20.85
CA ASN A 234 4.36 10.81 20.26
C ASN A 234 4.67 12.09 21.10
N ASN A 235 5.13 11.94 22.33
CA ASN A 235 5.67 13.01 23.21
C ASN A 235 7.10 13.46 22.85
N VAL A 236 7.83 12.64 22.10
CA VAL A 236 9.26 12.86 21.86
C VAL A 236 9.43 13.98 20.81
N PRO A 237 10.25 15.01 21.09
CA PRO A 237 10.48 16.09 20.08
C PRO A 237 10.99 15.49 18.80
N PHE A 238 10.41 15.96 17.71
CA PHE A 238 10.66 15.42 16.43
C PHE A 238 11.02 16.54 15.42
N LEU A 239 12.14 16.34 14.71
CA LEU A 239 12.62 17.30 13.71
C LEU A 239 12.41 16.73 12.30
N TYR A 240 11.47 17.26 11.56
CA TYR A 240 11.34 16.89 10.15
C TYR A 240 12.31 17.72 9.35
N ASN A 241 13.38 17.08 8.86
CA ASN A 241 14.44 17.77 8.10
C ASN A 241 14.07 17.88 6.64
N VAL A 242 12.94 18.56 6.39
CA VAL A 242 12.37 18.77 5.05
C VAL A 242 11.87 20.20 5.00
N SER A 243 11.79 20.78 3.81
CA SER A 243 11.23 22.10 3.66
C SER A 243 9.72 22.11 3.93
N PRO A 244 9.25 23.12 4.67
CA PRO A 244 7.77 23.28 4.81
C PRO A 244 7.00 23.64 3.52
N THR A 245 7.71 24.01 2.44
CA THR A 245 7.08 24.17 1.14
C THR A 245 6.53 22.84 0.61
N ILE A 246 7.27 21.77 0.82
CA ILE A 246 6.88 20.43 0.34
C ILE A 246 6.12 19.68 1.43
N PHE A 247 6.49 19.92 2.69
CA PHE A 247 5.91 19.23 3.86
C PHE A 247 5.44 20.27 4.88
N PRO A 248 4.36 21.00 4.60
CA PRO A 248 4.02 21.99 5.59
C PRO A 248 3.48 21.38 6.88
N PRO A 249 3.77 22.03 8.02
CA PRO A 249 3.25 21.45 9.26
C PRO A 249 1.75 21.44 9.24
N SER A 250 1.18 20.43 9.84
CA SER A 250 -0.26 20.26 9.87
C SER A 250 -0.87 20.97 11.06
N ILE A 251 -2.13 21.31 10.90
CA ILE A 251 -2.92 21.92 11.94
C ILE A 251 -2.94 21.06 13.23
N ASP A 252 -2.75 19.72 13.13
CA ASP A 252 -2.77 18.87 14.34
C ASP A 252 -1.39 18.42 14.85
N PHE A 253 -0.30 18.99 14.32
CA PHE A 253 1.04 18.71 14.86
C PHE A 253 1.17 19.22 16.27
N SER A 254 1.71 18.41 17.15
CA SER A 254 2.09 18.91 18.48
C SER A 254 3.10 20.01 18.37
N GLU A 255 3.25 20.78 19.45
CA GLU A 255 4.21 21.88 19.53
C GLU A 255 5.67 21.45 19.35
N TRP A 256 6.01 20.24 19.79
CA TRP A 256 7.39 19.74 19.72
C TRP A 256 7.66 18.92 18.43
N VAL A 257 6.72 18.91 17.49
CA VAL A 257 6.96 18.31 16.18
C VAL A 257 7.21 19.48 15.22
N ARG A 258 8.41 19.61 14.67
CA ARG A 258 8.82 20.81 13.95
C ARG A 258 9.36 20.50 12.58
N VAL A 259 8.96 21.28 11.58
CA VAL A 259 9.47 21.07 10.20
C VAL A 259 10.58 22.08 10.02
N THR A 260 11.83 21.66 10.00
CA THR A 260 12.92 22.61 10.15
C THR A 260 13.42 23.24 8.83
N GLY A 261 13.18 22.59 7.69
CA GLY A 261 13.96 22.84 6.45
C GLY A 261 14.93 21.67 6.25
N TYR A 262 15.35 21.49 5.00
CA TYR A 262 16.37 20.49 4.63
C TYR A 262 17.70 20.81 5.28
N TRP A 263 18.44 19.79 5.64
CA TRP A 263 19.81 19.92 6.16
C TRP A 263 20.78 19.61 5.03
N PHE A 264 21.07 20.67 4.27
CA PHE A 264 21.91 20.57 3.10
C PHE A 264 23.38 20.51 3.47
N LEU A 265 24.12 19.63 2.77
CA LEU A 265 25.53 19.42 3.09
C LEU A 265 26.42 20.43 2.38
N ASP A 266 26.10 20.83 1.16
CA ASP A 266 26.90 21.82 0.41
C ASP A 266 28.33 21.32 0.06
N ASP A 267 28.43 20.46 -0.97
CA ASP A 267 29.67 19.79 -1.36
C ASP A 267 30.29 20.34 -2.70
N LYS A 268 29.66 21.36 -3.30
CA LYS A 268 30.16 22.09 -4.45
C LYS A 268 31.59 22.68 -4.22
N SER A 269 31.88 23.12 -2.98
CA SER A 269 33.23 23.56 -2.63
C SER A 269 34.05 22.29 -2.41
N THR A 270 35.20 22.19 -3.06
CA THR A 270 36.05 21.00 -3.05
C THR A 270 35.75 19.97 -4.17
N PHE A 271 34.61 20.06 -4.87
CA PHE A 271 34.34 19.14 -6.00
C PHE A 271 35.10 19.59 -7.24
N LYS A 272 35.88 18.67 -7.83
CA LYS A 272 36.65 18.95 -9.04
C LYS A 272 35.98 18.20 -10.17
N PRO A 273 35.23 18.89 -11.05
CA PRO A 273 34.49 18.15 -12.08
C PRO A 273 35.41 17.52 -13.11
N PRO A 274 35.16 16.25 -13.47
CA PRO A 274 35.97 15.66 -14.53
C PRO A 274 35.69 16.34 -15.86
N ALA A 275 36.70 16.31 -16.73
CA ALA A 275 36.66 16.98 -18.01
C ALA A 275 35.48 16.53 -18.89
N GLU A 276 35.20 15.22 -18.93
CA GLU A 276 34.12 14.67 -19.80
C GLU A 276 32.77 15.33 -19.50
N LEU A 277 32.51 15.57 -18.21
CA LEU A 277 31.23 16.14 -17.79
C LEU A 277 31.10 17.62 -18.22
N GLN A 278 32.18 18.37 -18.03
CA GLN A 278 32.21 19.78 -18.45
C GLN A 278 32.01 19.92 -19.96
N GLU A 279 32.75 19.14 -20.72
CA GLU A 279 32.62 19.13 -22.20
C GLU A 279 31.21 18.76 -22.68
N PHE A 280 30.58 17.79 -22.00
CA PHE A 280 29.22 17.35 -22.36
C PHE A 280 28.20 18.46 -22.14
N ILE A 281 28.24 19.09 -20.96
CA ILE A 281 27.38 20.22 -20.60
C ILE A 281 27.56 21.35 -21.59
N SER A 282 28.81 21.70 -21.91
CA SER A 282 29.09 22.77 -22.89
C SER A 282 28.59 22.41 -24.31
N GLU A 283 28.76 21.15 -24.68
CA GLU A 283 28.23 20.66 -25.96
C GLU A 283 26.70 20.75 -26.05
N ALA A 284 25.98 20.29 -25.02
CA ALA A 284 24.50 20.45 -24.97
C ALA A 284 24.07 21.91 -25.22
N ARG A 285 24.70 22.82 -24.50
CA ARG A 285 24.37 24.23 -24.61
C ARG A 285 24.77 24.78 -25.97
N SER A 286 26.00 24.51 -26.43
CA SER A 286 26.42 24.96 -27.77
C SER A 286 25.44 24.47 -28.86
N LYS A 287 24.87 23.27 -28.69
CA LYS A 287 23.93 22.70 -29.67
C LYS A 287 22.46 23.08 -29.46
N GLY A 288 22.20 23.93 -28.46
CA GLY A 288 20.86 24.39 -28.15
C GLY A 288 19.89 23.32 -27.65
N LYS A 289 20.40 22.24 -27.07
CA LYS A 289 19.56 21.15 -26.58
C LYS A 289 19.29 21.34 -25.13
N LYS A 290 18.10 20.90 -24.71
CA LYS A 290 17.76 20.92 -23.29
C LYS A 290 18.63 19.89 -22.60
N LEU A 291 18.89 20.10 -21.33
CA LEU A 291 19.80 19.25 -20.59
C LEU A 291 19.05 18.70 -19.37
N VAL A 292 19.00 17.38 -19.23
CA VAL A 292 18.24 16.75 -18.16
C VAL A 292 19.12 15.78 -17.38
N TYR A 293 18.88 15.67 -16.10
CA TYR A 293 19.50 14.61 -15.29
C TYR A 293 18.47 13.51 -15.14
N ILE A 294 18.90 12.27 -15.28
CA ILE A 294 18.10 11.10 -14.92
C ILE A 294 18.88 10.20 -13.95
N GLY A 295 18.28 9.86 -12.82
CA GLY A 295 18.97 9.01 -11.85
C GLY A 295 17.97 8.49 -10.85
N PHE A 296 17.87 7.18 -10.70
CA PHE A 296 16.92 6.58 -9.77
C PHE A 296 17.51 6.00 -8.51
N GLY A 297 18.74 6.37 -8.20
CA GLY A 297 19.47 5.75 -7.09
C GLY A 297 19.72 4.28 -7.33
N SER A 298 19.98 3.58 -6.22
CA SER A 298 20.20 2.12 -6.22
C SER A 298 18.84 1.38 -6.22
N ILE A 299 18.58 0.58 -7.23
CA ILE A 299 17.40 -0.29 -7.29
C ILE A 299 17.70 -1.61 -7.98
N VAL A 300 16.91 -2.61 -7.65
CA VAL A 300 16.98 -3.90 -8.25
C VAL A 300 15.76 -4.02 -9.11
N VAL A 301 15.97 -4.28 -10.41
CA VAL A 301 14.88 -4.40 -11.37
C VAL A 301 14.85 -5.77 -12.07
N SER A 302 13.71 -6.08 -12.66
CA SER A 302 13.48 -7.33 -13.37
C SER A 302 14.33 -7.46 -14.67
N ASN A 303 14.49 -6.37 -15.42
CA ASN A 303 15.25 -6.37 -16.67
C ASN A 303 15.98 -5.05 -16.84
N ALA A 304 17.29 -5.05 -16.57
CA ALA A 304 18.12 -3.84 -16.52
C ALA A 304 18.28 -3.20 -17.90
N LYS A 305 18.55 -4.04 -18.90
CA LYS A 305 18.84 -3.60 -20.26
C LYS A 305 17.60 -2.97 -20.90
N GLU A 306 16.43 -3.57 -20.67
CA GLU A 306 15.16 -3.02 -21.18
C GLU A 306 14.86 -1.64 -20.60
N MET A 307 15.16 -1.46 -19.32
CA MET A 307 14.95 -0.17 -18.66
C MET A 307 15.84 0.90 -19.28
N THR A 308 17.13 0.55 -19.43
CA THR A 308 18.11 1.43 -20.04
C THR A 308 17.67 1.81 -21.46
N GLU A 309 17.24 0.82 -22.25
CA GLU A 309 16.76 1.08 -23.62
C GLU A 309 15.53 2.00 -23.66
N ALA A 310 14.60 1.84 -22.72
CA ALA A 310 13.44 2.73 -22.66
C ALA A 310 13.85 4.17 -22.32
N LEU A 311 14.81 4.35 -21.41
CA LEU A 311 15.36 5.69 -21.12
C LEU A 311 16.04 6.32 -22.33
N VAL A 312 16.84 5.53 -23.05
CA VAL A 312 17.50 6.00 -24.28
C VAL A 312 16.49 6.42 -25.32
N GLU A 313 15.49 5.59 -25.56
CA GLU A 313 14.41 5.89 -26.53
C GLU A 313 13.67 7.16 -26.15
N ALA A 314 13.38 7.32 -24.85
CA ALA A 314 12.68 8.51 -24.34
C ALA A 314 13.49 9.79 -24.55
N VAL A 315 14.77 9.73 -24.19
CA VAL A 315 15.71 10.82 -24.40
C VAL A 315 15.83 11.20 -25.91
N MET A 316 15.82 10.23 -26.81
CA MET A 316 15.86 10.50 -28.26
C MET A 316 14.59 11.19 -28.75
N GLU A 317 13.44 10.67 -28.34
CA GLU A 317 12.12 11.23 -28.69
C GLU A 317 11.97 12.66 -28.20
N ALA A 318 12.27 12.94 -26.92
CA ALA A 318 12.30 14.33 -26.40
C ALA A 318 13.68 14.86 -26.81
N ASP A 319 13.78 15.99 -27.47
CA ASP A 319 15.07 16.32 -28.14
C ASP A 319 16.18 16.81 -27.15
N VAL A 320 16.74 15.92 -26.32
CA VAL A 320 17.40 16.31 -25.11
C VAL A 320 18.78 15.66 -24.96
N TYR A 321 19.66 16.30 -24.19
CA TYR A 321 20.93 15.73 -23.75
C TYR A 321 20.69 15.26 -22.32
N CYS A 322 21.24 14.10 -21.99
CA CYS A 322 20.92 13.44 -20.72
C CYS A 322 22.20 13.14 -19.95
N ILE A 323 22.28 13.62 -18.73
CA ILE A 323 23.27 13.13 -17.77
C ILE A 323 22.62 12.02 -16.96
N LEU A 324 23.13 10.80 -17.17
CA LEU A 324 22.57 9.60 -16.60
C LEU A 324 23.41 9.14 -15.41
N ASN A 325 22.75 8.87 -14.29
CA ASN A 325 23.44 8.30 -13.13
C ASN A 325 22.76 6.97 -12.87
N LYS A 326 23.20 5.97 -13.60
CA LYS A 326 22.67 4.60 -13.48
C LYS A 326 23.07 3.92 -12.16
N GLY A 327 22.06 3.37 -11.47
CA GLY A 327 22.26 2.51 -10.28
C GLY A 327 21.31 1.31 -10.23
N TRP A 328 20.65 0.99 -11.33
CA TRP A 328 19.79 -0.19 -11.40
C TRP A 328 20.56 -1.41 -11.91
N SER A 329 20.19 -2.58 -11.39
CA SER A 329 20.66 -3.88 -11.91
C SER A 329 19.74 -5.01 -11.42
N GLU A 330 19.95 -6.21 -11.99
CA GLU A 330 19.17 -7.41 -11.62
C GLU A 330 19.56 -8.02 -10.28
N ARG A 331 20.81 -7.81 -9.87
CA ARG A 331 21.40 -8.29 -8.61
C ARG A 331 22.22 -7.13 -8.00
N LEU A 332 22.50 -7.15 -6.70
CA LEU A 332 23.05 -5.96 -6.01
C LEU A 332 24.40 -5.40 -6.52
N GLY A 333 25.19 -6.24 -7.22
CA GLY A 333 26.40 -5.79 -7.93
C GLY A 333 27.60 -5.61 -7.02
N LYS A 338 29.33 -3.34 -14.42
CA LYS A 338 28.12 -3.37 -13.61
C LYS A 338 27.27 -2.08 -13.68
N LYS A 339 27.62 -1.12 -14.55
CA LYS A 339 26.69 -0.04 -14.95
C LYS A 339 26.22 -0.16 -16.44
N THR A 340 26.90 0.48 -17.37
CA THR A 340 26.31 0.66 -18.72
C THR A 340 26.45 -0.59 -19.64
N GLU A 341 25.34 -1.19 -20.07
CA GLU A 341 25.38 -2.49 -20.79
C GLU A 341 25.35 -2.35 -22.30
N VAL A 342 24.58 -1.36 -22.75
CA VAL A 342 24.36 -1.10 -24.18
C VAL A 342 25.10 0.15 -24.67
N ASP A 343 25.34 0.23 -25.98
CA ASP A 343 25.98 1.37 -26.62
C ASP A 343 25.19 2.69 -26.48
N LEU A 344 25.56 3.57 -25.53
CA LEU A 344 24.89 4.86 -25.38
C LEU A 344 25.28 5.88 -26.46
N PRO A 345 24.29 6.60 -27.02
CA PRO A 345 24.59 7.61 -28.03
C PRO A 345 25.27 8.87 -27.46
N ARG A 346 25.61 9.76 -28.38
CA ARG A 346 26.36 11.00 -28.12
C ARG A 346 25.66 11.92 -27.12
N ASN A 347 24.33 11.94 -27.15
CA ASN A 347 23.51 12.83 -26.30
C ASN A 347 23.23 12.29 -24.88
N ILE A 348 23.91 11.21 -24.50
CA ILE A 348 23.73 10.63 -23.16
C ILE A 348 25.08 10.37 -22.53
N LEU A 349 25.33 10.91 -21.34
CA LEU A 349 26.57 10.63 -20.63
C LEU A 349 26.29 9.88 -19.34
N ASN A 350 26.77 8.63 -19.23
CA ASN A 350 26.67 7.90 -17.94
C ASN A 350 27.80 8.35 -17.06
N ILE A 351 27.47 9.07 -16.01
CA ILE A 351 28.47 9.55 -15.06
C ILE A 351 28.19 8.84 -13.74
N GLY A 352 29.16 8.84 -12.85
CA GLY A 352 28.86 8.37 -11.50
C GLY A 352 27.93 9.29 -10.71
N ASN A 353 28.14 9.23 -9.41
CA ASN A 353 27.58 10.19 -8.52
C ASN A 353 28.34 11.50 -8.70
N VAL A 354 27.57 12.59 -8.79
CA VAL A 354 28.10 13.92 -8.91
C VAL A 354 27.33 14.74 -7.90
N PRO A 355 28.02 15.61 -7.16
CA PRO A 355 27.23 16.35 -6.17
C PRO A 355 26.10 17.17 -6.84
N HIS A 356 24.88 17.03 -6.35
CA HIS A 356 23.72 17.62 -6.98
C HIS A 356 23.70 19.15 -6.82
N ASP A 357 24.25 19.65 -5.72
CA ASP A 357 24.35 21.10 -5.59
C ASP A 357 25.25 21.78 -6.63
N TRP A 358 26.16 21.02 -7.25
CA TRP A 358 26.93 21.50 -8.39
C TRP A 358 26.19 21.31 -9.72
N LEU A 359 25.59 20.13 -9.88
CA LEU A 359 25.02 19.78 -11.17
C LEU A 359 23.64 20.41 -11.44
N PHE A 360 22.76 20.37 -10.42
CA PHE A 360 21.34 20.71 -10.66
C PHE A 360 21.08 22.14 -11.12
N PRO A 361 21.89 23.11 -10.64
CA PRO A 361 21.71 24.48 -11.19
C PRO A 361 22.05 24.62 -12.66
N GLN A 362 22.75 23.64 -13.25
CA GLN A 362 23.19 23.73 -14.63
C GLN A 362 22.29 22.97 -15.60
N VAL A 363 21.29 22.23 -15.09
CA VAL A 363 20.37 21.47 -15.96
C VAL A 363 19.00 22.15 -16.02
N ASP A 364 18.16 21.66 -16.93
CA ASP A 364 16.82 22.20 -17.19
C ASP A 364 15.73 21.41 -16.47
N ALA A 365 15.96 20.13 -16.21
CA ALA A 365 14.99 19.33 -15.43
C ALA A 365 15.65 18.11 -14.88
N ALA A 366 14.97 17.45 -13.93
CA ALA A 366 15.51 16.21 -13.38
C ALA A 366 14.43 15.14 -13.29
N VAL A 367 14.84 13.89 -13.55
CA VAL A 367 13.99 12.72 -13.41
C VAL A 367 14.64 11.87 -12.39
N HIS A 368 13.90 11.50 -11.35
CA HIS A 368 14.46 10.67 -10.31
C HIS A 368 13.41 9.87 -9.54
N HIS A 369 13.87 9.21 -8.49
CA HIS A 369 13.06 8.25 -7.73
C HIS A 369 12.19 8.87 -6.63
N GLY A 370 12.38 10.16 -6.34
CA GLY A 370 11.63 10.83 -5.33
C GLY A 370 12.11 10.54 -3.94
N GLY A 371 13.35 10.09 -3.80
CA GLY A 371 13.96 10.01 -2.49
C GLY A 371 13.90 11.40 -1.83
N SER A 372 13.80 11.44 -0.51
N SER A 372 13.85 11.47 -0.60
CA SER A 372 13.54 12.70 0.16
CA SER A 372 13.59 12.73 0.08
C SER A 372 14.65 13.72 -0.10
C SER A 372 14.70 13.75 -0.19
N GLY A 373 15.89 13.29 -0.02
CA GLY A 373 17.02 14.18 -0.20
C GLY A 373 17.15 14.62 -1.65
N THR A 374 16.96 13.69 -2.58
CA THR A 374 17.08 14.00 -3.98
C THR A 374 15.97 14.98 -4.43
N THR A 375 14.77 14.80 -3.89
CA THR A 375 13.69 15.76 -4.11
C THR A 375 14.04 17.17 -3.59
N GLY A 376 14.60 17.22 -2.39
CA GLY A 376 15.13 18.46 -1.83
C GLY A 376 16.15 19.12 -2.75
N ALA A 377 17.07 18.34 -3.33
CA ALA A 377 18.06 18.91 -4.19
C ALA A 377 17.45 19.46 -5.50
N SER A 378 16.50 18.75 -6.12
CA SER A 378 15.86 19.26 -7.33
C SER A 378 14.97 20.51 -7.09
N LEU A 379 14.26 20.53 -5.98
CA LEU A 379 13.46 21.70 -5.56
C LEU A 379 14.37 22.91 -5.23
N ARG A 380 15.45 22.67 -4.44
CA ARG A 380 16.40 23.71 -4.11
C ARG A 380 16.94 24.39 -5.39
N ALA A 381 17.13 23.61 -6.45
CA ALA A 381 17.66 24.17 -7.68
C ALA A 381 16.61 24.67 -8.64
N GLY A 382 15.35 24.63 -8.24
CA GLY A 382 14.28 25.13 -9.11
C GLY A 382 14.06 24.33 -10.40
N LEU A 383 14.22 23.02 -10.33
CA LEU A 383 14.02 22.18 -11.48
C LEU A 383 12.63 21.59 -11.54
N PRO A 384 11.96 21.71 -12.67
CA PRO A 384 10.79 20.84 -12.86
C PRO A 384 11.21 19.38 -12.74
N THR A 385 10.45 18.61 -11.96
CA THR A 385 10.90 17.31 -11.52
C THR A 385 9.93 16.17 -11.87
N VAL A 386 10.41 15.23 -12.69
CA VAL A 386 9.67 14.00 -12.96
C VAL A 386 10.09 12.92 -11.92
N ILE A 387 9.13 12.33 -11.19
CA ILE A 387 9.42 11.28 -10.24
C ILE A 387 8.74 9.99 -10.68
N LYS A 388 9.54 8.92 -10.72
CA LYS A 388 9.05 7.57 -10.86
C LYS A 388 9.32 6.88 -9.53
N PRO A 389 8.30 6.77 -8.67
CA PRO A 389 8.50 6.14 -7.37
C PRO A 389 8.59 4.63 -7.46
N PHE A 390 9.41 4.05 -6.57
CA PHE A 390 9.58 2.59 -6.48
C PHE A 390 9.16 2.04 -5.13
N PHE A 391 9.53 2.70 -4.05
CA PHE A 391 9.34 2.12 -2.72
C PHE A 391 9.06 3.24 -1.70
N GLY A 392 8.13 2.98 -0.78
CA GLY A 392 8.05 3.75 0.44
C GLY A 392 7.75 5.23 0.27
N ASP A 393 8.55 6.09 0.89
CA ASP A 393 8.25 7.51 0.88
C ASP A 393 8.42 8.16 -0.51
N GLN A 394 8.99 7.44 -1.48
CA GLN A 394 9.04 7.95 -2.84
C GLN A 394 7.65 8.21 -3.36
N PHE A 395 6.68 7.36 -2.95
CA PHE A 395 5.29 7.58 -3.36
C PHE A 395 4.69 8.83 -2.72
N PHE A 396 5.05 9.09 -1.49
CA PHE A 396 4.69 10.32 -0.82
C PHE A 396 5.20 11.57 -1.56
N TYR A 397 6.49 11.62 -1.85
CA TYR A 397 7.05 12.78 -2.58
C TYR A 397 6.61 12.91 -4.00
N ALA A 398 6.36 11.80 -4.68
CA ALA A 398 5.77 11.86 -6.02
C ALA A 398 4.42 12.58 -6.01
N GLY A 399 3.57 12.25 -5.06
CA GLY A 399 2.28 12.95 -4.94
C GLY A 399 2.45 14.42 -4.58
N ARG A 400 3.39 14.70 -3.65
CA ARG A 400 3.60 16.09 -3.18
C ARG A 400 4.08 17.01 -4.30
N VAL A 401 4.98 16.54 -5.16
CA VAL A 401 5.47 17.35 -6.30
C VAL A 401 4.35 17.66 -7.29
N GLU A 402 3.49 16.71 -7.54
CA GLU A 402 2.32 16.91 -8.41
C GLU A 402 1.37 17.95 -7.78
N ASP A 403 1.10 17.79 -6.49
CA ASP A 403 0.21 18.70 -5.74
C ASP A 403 0.70 20.14 -5.66
N ILE A 404 2.00 20.32 -5.52
CA ILE A 404 2.59 21.66 -5.44
C ILE A 404 2.81 22.24 -6.85
N GLY A 405 2.60 21.44 -7.90
CA GLY A 405 2.71 21.91 -9.28
C GLY A 405 4.12 22.04 -9.83
N VAL A 406 5.11 21.38 -9.22
CA VAL A 406 6.50 21.49 -9.67
C VAL A 406 6.97 20.28 -10.45
N GLY A 407 6.12 19.29 -10.63
CA GLY A 407 6.55 18.13 -11.36
C GLY A 407 5.46 17.14 -11.69
N ILE A 408 5.88 16.00 -12.20
CA ILE A 408 4.98 14.97 -12.68
C ILE A 408 5.32 13.66 -11.99
N ALA A 409 4.29 12.94 -11.52
CA ALA A 409 4.44 11.63 -10.92
C ALA A 409 4.17 10.61 -12.04
N LEU A 410 5.17 9.81 -12.40
CA LEU A 410 4.98 8.72 -13.33
C LEU A 410 4.44 7.51 -12.63
N LYS A 411 3.35 6.98 -13.15
CA LYS A 411 2.77 5.74 -12.66
C LYS A 411 3.50 4.57 -13.34
N LYS A 412 3.58 4.67 -14.66
CA LYS A 412 4.25 3.69 -15.50
C LYS A 412 5.45 4.37 -16.12
N LEU A 413 6.61 3.69 -16.07
CA LEU A 413 7.83 4.14 -16.75
C LEU A 413 8.03 3.35 -18.07
N ASN A 414 7.83 4.02 -19.21
CA ASN A 414 8.19 3.44 -20.50
C ASN A 414 8.64 4.59 -21.39
N ALA A 415 9.17 4.24 -22.55
CA ALA A 415 9.64 5.25 -23.50
C ALA A 415 8.63 6.38 -23.79
N GLN A 416 7.34 6.07 -23.84
CA GLN A 416 6.33 7.08 -24.17
C GLN A 416 5.98 7.96 -22.98
N THR A 417 5.74 7.38 -21.81
CA THR A 417 5.36 8.22 -20.68
C THR A 417 6.50 9.18 -20.28
N LEU A 418 7.73 8.68 -20.38
CA LEU A 418 8.89 9.51 -20.03
C LEU A 418 9.14 10.59 -21.06
N ALA A 419 9.00 10.29 -22.35
CA ALA A 419 9.14 11.31 -23.39
C ALA A 419 8.09 12.44 -23.22
N ASP A 420 6.83 12.09 -23.00
CA ASP A 420 5.79 13.09 -22.69
C ASP A 420 6.17 13.96 -21.49
N ALA A 421 6.61 13.31 -20.41
CA ALA A 421 6.98 14.02 -19.18
C ALA A 421 8.18 14.94 -19.37
N LEU A 422 9.17 14.47 -20.13
CA LEU A 422 10.35 15.28 -20.46
C LEU A 422 9.97 16.52 -21.27
N LYS A 423 9.03 16.38 -22.20
CA LYS A 423 8.48 17.52 -22.94
C LYS A 423 7.78 18.52 -22.04
N VAL A 424 6.95 18.07 -21.14
CA VAL A 424 6.27 18.99 -20.22
C VAL A 424 7.29 19.68 -19.29
N ALA A 425 8.21 18.91 -18.73
CA ALA A 425 9.17 19.40 -17.73
C ALA A 425 10.18 20.40 -18.33
N THR A 426 10.52 20.26 -19.60
CA THR A 426 11.44 21.19 -20.23
C THR A 426 10.76 22.37 -20.95
N THR A 427 9.44 22.34 -21.15
CA THR A 427 8.75 23.44 -21.85
C THR A 427 7.56 24.12 -21.13
N ASN A 428 7.00 23.55 -20.07
CA ASN A 428 5.80 24.10 -19.44
C ASN A 428 6.20 25.28 -18.56
N LYS A 429 5.74 26.47 -18.96
CA LYS A 429 6.04 27.73 -18.23
C LYS A 429 5.48 27.76 -16.83
N ILE A 430 4.26 27.30 -16.64
CA ILE A 430 3.64 27.30 -15.32
C ILE A 430 4.46 26.47 -14.33
N MET A 431 4.91 25.30 -14.78
CA MET A 431 5.69 24.41 -13.96
C MET A 431 7.06 25.02 -13.65
N LYS A 432 7.73 25.62 -14.63
CA LYS A 432 9.02 26.30 -14.39
C LYS A 432 8.87 27.45 -13.39
N ASP A 433 7.86 28.31 -13.57
CA ASP A 433 7.57 29.35 -12.56
C ASP A 433 7.30 28.80 -11.15
N ARG A 434 6.48 27.77 -11.02
CA ARG A 434 6.25 27.16 -9.73
C ARG A 434 7.56 26.63 -9.15
N ALA A 435 8.39 25.97 -9.97
CA ALA A 435 9.71 25.49 -9.48
C ALA A 435 10.61 26.65 -9.02
N GLY A 436 10.57 27.77 -9.75
CA GLY A 436 11.33 28.98 -9.38
C GLY A 436 10.89 29.58 -8.06
N LEU A 437 9.58 29.60 -7.83
CA LEU A 437 9.04 30.16 -6.60
C LEU A 437 9.50 29.29 -5.44
N ILE A 438 9.44 27.95 -5.61
CA ILE A 438 9.87 27.05 -4.53
C ILE A 438 11.37 27.23 -4.23
N LYS A 439 12.18 27.40 -5.29
CA LYS A 439 13.60 27.70 -5.12
C LYS A 439 13.80 28.94 -4.23
N LYS A 440 13.04 30.01 -4.53
CA LYS A 440 13.13 31.22 -3.75
C LYS A 440 12.80 30.98 -2.28
N LYS A 441 11.71 30.29 -2.02
CA LYS A 441 11.31 30.00 -0.61
C LYS A 441 12.35 29.15 0.15
N ILE A 442 12.87 28.12 -0.51
CA ILE A 442 13.93 27.25 0.07
C ILE A 442 15.20 28.01 0.33
N SER A 443 15.59 28.92 -0.54
CA SER A 443 16.81 29.70 -0.30
C SER A 443 16.74 30.62 0.94
N LYS A 444 15.55 31.04 1.36
CA LYS A 444 15.38 31.79 2.60
C LYS A 444 15.29 30.92 3.88
N GLU A 445 15.11 29.62 3.73
CA GLU A 445 15.16 28.69 4.87
C GLU A 445 16.64 28.37 5.21
N ASP A 446 16.93 28.10 6.46
CA ASP A 446 18.24 27.60 6.89
C ASP A 446 17.92 26.48 7.83
N GLY A 447 17.78 25.31 7.25
CA GLY A 447 17.35 24.15 8.02
C GLY A 447 18.24 23.79 9.17
N ILE A 448 19.55 23.93 8.98
CA ILE A 448 20.49 23.55 10.05
C ILE A 448 20.34 24.49 11.22
N LYS A 449 20.34 25.78 10.94
CA LYS A 449 20.21 26.78 12.02
C LYS A 449 18.87 26.62 12.74
N THR A 450 17.80 26.37 11.98
CA THR A 450 16.50 26.12 12.55
C THR A 450 16.51 24.89 13.46
N ALA A 451 17.15 23.80 13.01
CA ALA A 451 17.20 22.57 13.79
C ALA A 451 18.01 22.73 15.07
N ILE A 452 19.14 23.41 14.96
CA ILE A 452 19.98 23.69 16.16
C ILE A 452 19.20 24.57 17.16
N SER A 453 18.51 25.62 16.69
CA SER A 453 17.68 26.43 17.59
C SER A 453 16.61 25.58 18.26
N ALA A 454 16.02 24.66 17.49
CA ALA A 454 14.98 23.79 17.99
C ALA A 454 15.55 22.90 19.09
N ILE A 455 16.77 22.42 18.89
CA ILE A 455 17.43 21.59 19.91
C ILE A 455 17.62 22.37 21.20
N TYR A 456 18.18 23.56 21.11
CA TYR A 456 18.39 24.38 22.30
C TYR A 456 17.08 24.73 23.00
N ASN A 457 16.07 25.10 22.18
CA ASN A 457 14.76 25.50 22.73
C ASN A 457 14.03 24.30 23.39
N GLU A 458 14.27 23.10 22.88
CA GLU A 458 13.57 21.90 23.34
C GLU A 458 14.36 21.03 24.31
N LEU A 459 15.61 21.40 24.58
CA LEU A 459 16.49 20.51 25.38
C LEU A 459 15.89 20.10 26.73
N GLU A 460 15.40 21.09 27.48
CA GLU A 460 14.85 20.81 28.78
C GLU A 460 13.57 19.94 28.67
N TYR A 461 12.73 20.21 27.67
CA TYR A 461 11.52 19.38 27.40
C TYR A 461 11.98 17.96 27.05
N ALA A 462 12.98 17.85 26.15
CA ALA A 462 13.48 16.53 25.79
C ALA A 462 13.97 15.71 27.00
N ARG A 463 14.65 16.37 27.91
CA ARG A 463 15.11 15.72 29.16
C ARG A 463 13.91 15.24 29.97
N SER A 464 12.94 16.11 30.12
CA SER A 464 11.75 15.82 30.91
C SER A 464 10.94 14.63 30.35
N VAL A 465 10.90 14.49 29.04
CA VAL A 465 10.21 13.37 28.41
C VAL A 465 10.92 12.07 28.75
N THR A 466 12.25 12.06 28.64
CA THR A 466 12.98 10.87 29.02
C THR A 466 12.70 10.47 30.46
N LEU A 467 12.81 11.43 31.36
CA LEU A 467 12.66 11.18 32.80
C LEU A 467 11.24 10.68 33.17
N SER A 468 10.21 11.09 32.43
CA SER A 468 8.87 10.55 32.63
C SER A 468 8.74 9.07 32.34
N ARG A 469 9.59 8.51 31.49
CA ARG A 469 9.66 7.05 31.27
C ARG A 469 10.45 6.32 32.30
N VAL A 470 11.35 7.00 32.99
CA VAL A 470 12.11 6.34 34.08
C VAL A 470 11.17 6.04 35.26
N LYS A 471 11.22 4.80 35.78
CA LYS A 471 10.29 4.34 36.85
C LYS A 471 10.77 4.65 38.28
N SER B 39 -26.52 -36.84 3.33
CA SER B 39 -27.08 -35.44 3.56
C SER B 39 -26.46 -34.66 4.76
N TYR B 40 -25.82 -33.54 4.46
CA TYR B 40 -25.20 -32.69 5.47
C TYR B 40 -25.93 -31.37 5.67
N LYS B 41 -25.85 -30.87 6.89
CA LYS B 41 -26.32 -29.55 7.26
C LYS B 41 -25.12 -28.60 7.16
N PHE B 42 -25.12 -27.79 6.11
CA PHE B 42 -24.09 -26.76 5.91
C PHE B 42 -24.47 -25.43 6.58
N GLY B 43 -23.49 -24.80 7.23
CA GLY B 43 -23.60 -23.40 7.59
C GLY B 43 -22.65 -22.61 6.72
N LEU B 44 -23.16 -21.60 6.03
CA LEU B 44 -22.33 -20.79 5.13
C LEU B 44 -22.25 -19.38 5.73
N LEU B 45 -21.07 -19.00 6.25
CA LEU B 45 -20.98 -17.80 7.09
C LEU B 45 -20.15 -16.72 6.47
N THR B 46 -20.70 -15.52 6.35
CA THR B 46 -19.93 -14.41 5.83
C THR B 46 -20.36 -13.07 6.41
N ILE B 47 -19.42 -12.12 6.45
CA ILE B 47 -19.72 -10.73 6.73
C ILE B 47 -19.37 -9.92 5.49
N GLY B 48 -19.91 -8.73 5.37
CA GLY B 48 -19.46 -7.82 4.29
C GLY B 48 -20.69 -7.33 3.55
N SER B 49 -20.57 -7.25 2.22
CA SER B 49 -21.57 -6.63 1.40
C SER B 49 -22.25 -7.70 0.50
N ARG B 50 -23.12 -7.25 -0.40
CA ARG B 50 -23.80 -8.14 -1.32
C ARG B 50 -22.89 -9.12 -2.09
N GLY B 51 -21.72 -8.67 -2.49
CA GLY B 51 -20.74 -9.50 -3.17
C GLY B 51 -20.12 -10.59 -2.30
N ASP B 52 -20.19 -10.40 -0.98
CA ASP B 52 -19.77 -11.46 -0.12
C ASP B 52 -20.88 -12.52 0.01
N VAL B 53 -22.14 -12.11 -0.14
CA VAL B 53 -23.29 -12.98 0.11
C VAL B 53 -23.77 -13.71 -1.14
N GLN B 54 -23.83 -12.99 -2.25
CA GLN B 54 -24.37 -13.57 -3.49
C GLN B 54 -23.77 -14.93 -3.94
N PRO B 55 -22.43 -15.09 -3.90
CA PRO B 55 -21.85 -16.39 -4.30
C PRO B 55 -22.33 -17.56 -3.42
N TYR B 56 -22.53 -17.29 -2.12
CA TYR B 56 -23.00 -18.30 -1.20
C TYR B 56 -24.45 -18.69 -1.45
N ILE B 57 -25.25 -17.74 -1.93
CA ILE B 57 -26.56 -18.09 -2.43
C ILE B 57 -26.46 -19.09 -3.58
N ALA B 58 -25.63 -18.80 -4.56
CA ALA B 58 -25.46 -19.72 -5.69
C ALA B 58 -24.98 -21.09 -5.25
N LEU B 59 -23.99 -21.12 -4.36
CA LEU B 59 -23.48 -22.40 -3.85
C LEU B 59 -24.55 -23.14 -3.04
N GLY B 60 -25.27 -22.39 -2.20
CA GLY B 60 -26.36 -22.96 -1.40
C GLY B 60 -27.43 -23.63 -2.23
N LYS B 61 -27.80 -23.00 -3.34
CA LYS B 61 -28.79 -23.60 -4.24
C LYS B 61 -28.28 -24.91 -4.79
N GLY B 62 -27.01 -24.93 -5.20
CA GLY B 62 -26.38 -26.15 -5.71
C GLY B 62 -26.33 -27.27 -4.69
N LEU B 63 -26.00 -26.92 -3.43
CA LEU B 63 -25.97 -27.91 -2.33
C LEU B 63 -27.37 -28.47 -2.02
N ILE B 64 -28.36 -27.60 -2.04
CA ILE B 64 -29.76 -28.05 -1.85
C ILE B 64 -30.15 -29.07 -2.94
N LYS B 65 -29.78 -28.82 -4.17
CA LYS B 65 -30.10 -29.75 -5.27
C LYS B 65 -29.34 -31.09 -5.15
N GLU B 66 -28.25 -31.11 -4.39
CA GLU B 66 -27.54 -32.33 -4.06
C GLU B 66 -28.11 -33.01 -2.82
N GLY B 67 -29.20 -32.49 -2.28
CA GLY B 67 -29.86 -33.17 -1.16
C GLY B 67 -29.45 -32.68 0.21
N HIS B 68 -28.66 -31.61 0.30
CA HIS B 68 -28.20 -31.12 1.62
C HIS B 68 -29.10 -30.03 2.16
N GLN B 69 -28.89 -29.70 3.43
CA GLN B 69 -29.52 -28.55 4.07
C GLN B 69 -28.51 -27.37 4.18
N VAL B 70 -28.98 -26.14 3.97
CA VAL B 70 -28.12 -24.98 3.95
C VAL B 70 -28.71 -23.81 4.74
N VAL B 71 -27.88 -23.23 5.62
CA VAL B 71 -28.20 -21.98 6.25
C VAL B 71 -27.11 -20.99 5.92
N ILE B 72 -27.48 -19.82 5.40
CA ILE B 72 -26.58 -18.71 5.24
C ILE B 72 -26.64 -17.80 6.46
N ILE B 73 -25.46 -17.50 7.02
CA ILE B 73 -25.33 -16.76 8.25
C ILE B 73 -24.62 -15.43 7.94
N THR B 74 -25.41 -14.35 7.97
CA THR B 74 -24.86 -13.05 7.63
C THR B 74 -25.74 -11.95 8.23
N HIS B 75 -25.56 -10.72 7.76
CA HIS B 75 -26.24 -9.56 8.39
C HIS B 75 -27.72 -9.52 8.01
N SER B 76 -28.54 -8.98 8.94
CA SER B 76 -29.99 -8.77 8.75
C SER B 76 -30.38 -8.14 7.43
N GLU B 77 -29.58 -7.20 6.95
CA GLU B 77 -29.79 -6.47 5.68
C GLU B 77 -30.02 -7.45 4.49
N PHE B 78 -29.42 -8.65 4.55
CA PHE B 78 -29.48 -9.63 3.46
C PHE B 78 -30.49 -10.75 3.66
N ARG B 79 -31.27 -10.73 4.75
CA ARG B 79 -32.32 -11.73 4.98
C ARG B 79 -33.25 -11.95 3.78
N ASP B 80 -33.86 -10.86 3.29
CA ASP B 80 -34.83 -10.97 2.16
C ASP B 80 -34.21 -11.56 0.92
N PHE B 81 -33.02 -11.10 0.58
CA PHE B 81 -32.22 -11.62 -0.56
C PHE B 81 -32.02 -13.13 -0.41
N VAL B 82 -31.52 -13.56 0.75
CA VAL B 82 -31.25 -14.97 0.96
C VAL B 82 -32.54 -15.80 0.90
N GLU B 83 -33.54 -15.35 1.60
CA GLU B 83 -34.83 -16.10 1.70
C GLU B 83 -35.60 -16.13 0.39
N SER B 84 -35.44 -15.09 -0.45
CA SER B 84 -36.10 -15.04 -1.75
C SER B 84 -35.54 -16.12 -2.69
N HIS B 85 -34.35 -16.63 -2.41
CA HIS B 85 -33.79 -17.73 -3.18
C HIS B 85 -33.96 -19.14 -2.53
N GLY B 86 -34.79 -19.25 -1.49
CA GLY B 86 -35.12 -20.55 -0.91
C GLY B 86 -34.08 -21.12 0.01
N ILE B 87 -33.24 -20.24 0.56
CA ILE B 87 -32.20 -20.65 1.49
C ILE B 87 -32.61 -20.15 2.90
N GLN B 88 -32.28 -20.92 3.93
CA GLN B 88 -32.55 -20.52 5.32
C GLN B 88 -31.50 -19.49 5.74
N PHE B 89 -31.91 -18.60 6.64
CA PHE B 89 -31.10 -17.45 7.03
C PHE B 89 -30.99 -17.42 8.52
N GLU B 90 -29.79 -17.10 9.01
CA GLU B 90 -29.56 -16.74 10.40
C GLU B 90 -28.76 -15.42 10.46
N GLU B 91 -29.15 -14.55 11.38
CA GLU B 91 -28.55 -13.22 11.52
C GLU B 91 -27.32 -13.26 12.37
N ILE B 92 -26.23 -12.61 11.92
CA ILE B 92 -25.13 -12.26 12.83
C ILE B 92 -24.84 -10.76 12.73
N ALA B 93 -24.13 -10.26 13.71
CA ALA B 93 -23.67 -8.85 13.71
C ALA B 93 -22.39 -8.79 12.87
N GLY B 94 -21.48 -7.84 13.15
CA GLY B 94 -20.20 -7.76 12.41
C GLY B 94 -20.31 -7.10 11.05
N ASN B 95 -21.31 -6.26 10.89
CA ASN B 95 -21.52 -5.54 9.61
C ASN B 95 -20.44 -4.45 9.46
N PRO B 96 -19.54 -4.61 8.47
CA PRO B 96 -18.45 -3.61 8.33
C PRO B 96 -18.89 -2.18 8.08
N VAL B 97 -20.11 -1.95 7.57
CA VAL B 97 -20.62 -0.56 7.49
C VAL B 97 -20.51 0.22 8.81
N GLU B 98 -20.71 -0.44 9.95
CA GLU B 98 -20.63 0.27 11.24
C GLU B 98 -19.22 0.89 11.48
N LEU B 99 -18.18 0.14 11.13
CA LEU B 99 -16.80 0.61 11.22
C LEU B 99 -16.40 1.64 10.16
N MET B 100 -16.82 1.44 8.91
CA MET B 100 -16.60 2.40 7.82
C MET B 100 -16.91 3.84 8.17
N SER B 101 -17.95 4.11 8.97
CA SER B 101 -18.29 5.46 9.48
C SER B 101 -17.09 6.25 10.02
N LEU B 102 -16.36 5.59 10.90
CA LEU B 102 -15.20 6.22 11.56
C LEU B 102 -13.97 6.29 10.65
N MET B 103 -13.78 5.31 9.77
CA MET B 103 -12.63 5.30 8.84
C MET B 103 -12.70 6.36 7.76
N VAL B 104 -13.92 6.72 7.37
CA VAL B 104 -14.21 7.53 6.16
C VAL B 104 -14.71 8.98 6.47
N GLU B 105 -14.92 9.33 7.75
CA GLU B 105 -15.17 10.75 8.13
C GLU B 105 -13.93 11.61 7.85
N ASN B 106 -14.12 12.91 7.65
CA ASN B 106 -13.00 13.75 7.18
C ASN B 106 -11.95 14.00 8.27
N GLU B 107 -12.28 14.80 9.28
CA GLU B 107 -11.25 15.47 10.09
C GLU B 107 -11.51 15.31 11.58
N SER B 108 -12.15 14.20 11.94
CA SER B 108 -12.49 13.99 13.36
C SER B 108 -11.33 13.37 14.18
N MET B 109 -10.42 12.69 13.50
CA MET B 109 -9.51 11.81 14.21
C MET B 109 -8.47 12.59 15.04
N ASN B 110 -8.28 12.15 16.29
CA ASN B 110 -7.39 12.73 17.32
C ASN B 110 -7.37 11.73 18.47
N VAL B 111 -6.68 12.00 19.56
CA VAL B 111 -6.52 10.97 20.62
C VAL B 111 -7.87 10.51 21.19
N LYS B 112 -8.75 11.48 21.48
CA LYS B 112 -10.08 11.17 22.05
C LYS B 112 -10.93 10.36 21.05
N MET B 113 -10.96 10.82 19.81
CA MET B 113 -11.70 10.08 18.80
C MET B 113 -11.14 8.67 18.62
N LEU B 114 -9.83 8.50 18.73
CA LEU B 114 -9.21 7.13 18.65
C LEU B 114 -9.59 6.25 19.82
N ARG B 115 -9.70 6.82 21.00
CA ARG B 115 -10.26 6.05 22.15
C ARG B 115 -11.70 5.62 21.88
N GLU B 116 -12.53 6.54 21.41
CA GLU B 116 -13.92 6.17 21.05
C GLU B 116 -13.97 5.18 19.91
N ALA B 117 -13.12 5.33 18.91
CA ALA B 117 -13.04 4.35 17.83
C ALA B 117 -12.61 2.95 18.34
N SER B 118 -11.61 2.85 19.22
CA SER B 118 -11.19 1.54 19.75
C SER B 118 -12.34 0.88 20.50
N SER B 119 -13.04 1.65 21.31
CA SER B 119 -14.15 1.14 22.11
C SER B 119 -15.30 0.63 21.19
N LYS B 120 -15.64 1.40 20.19
CA LYS B 120 -16.62 0.95 19.20
C LYS B 120 -16.16 -0.31 18.50
N PHE B 121 -14.89 -0.37 18.10
CA PHE B 121 -14.34 -1.54 17.43
C PHE B 121 -14.45 -2.78 18.33
N ARG B 122 -14.02 -2.65 19.58
CA ARG B 122 -14.12 -3.73 20.54
C ARG B 122 -15.57 -4.27 20.72
N GLY B 123 -16.55 -3.36 20.76
CA GLY B 123 -17.99 -3.71 20.87
C GLY B 123 -18.50 -4.41 19.61
N TRP B 124 -18.04 -3.95 18.46
CA TRP B 124 -18.37 -4.58 17.18
C TRP B 124 -17.84 -6.01 17.06
N ILE B 125 -16.58 -6.20 17.44
CA ILE B 125 -15.99 -7.54 17.49
C ILE B 125 -16.80 -8.44 18.45
N ASP B 126 -17.03 -7.97 19.68
CA ASP B 126 -17.76 -8.75 20.68
C ASP B 126 -19.11 -9.22 20.19
N ALA B 127 -19.87 -8.33 19.55
CA ALA B 127 -21.18 -8.69 19.02
C ALA B 127 -21.08 -9.77 17.90
N LEU B 128 -20.07 -9.67 17.04
CA LEU B 128 -19.82 -10.68 16.02
C LEU B 128 -19.51 -12.05 16.65
N LEU B 129 -18.61 -12.04 17.62
CA LEU B 129 -18.22 -13.24 18.34
C LEU B 129 -19.42 -13.89 19.01
N GLN B 130 -20.23 -13.10 19.69
CA GLN B 130 -21.33 -13.67 20.50
C GLN B 130 -22.47 -14.16 19.62
N THR B 131 -22.87 -13.36 18.63
CA THR B 131 -23.93 -13.79 17.72
C THR B 131 -23.57 -15.02 16.88
N SER B 132 -22.33 -15.10 16.38
CA SER B 132 -21.92 -16.23 15.54
C SER B 132 -21.88 -17.52 16.38
N TRP B 133 -21.39 -17.44 17.61
CA TRP B 133 -21.40 -18.61 18.51
C TRP B 133 -22.84 -19.02 18.85
N GLU B 134 -23.69 -18.06 19.13
CA GLU B 134 -25.09 -18.39 19.46
C GLU B 134 -25.74 -19.17 18.30
N VAL B 135 -25.53 -18.70 17.06
CA VAL B 135 -26.13 -19.37 15.89
C VAL B 135 -25.56 -20.78 15.72
N CYS B 136 -24.24 -20.89 15.68
CA CYS B 136 -23.58 -22.13 15.39
C CYS B 136 -23.83 -23.16 16.49
N ASN B 137 -23.83 -22.73 17.74
CA ASN B 137 -24.01 -23.64 18.83
C ASN B 137 -25.46 -24.15 18.93
N ARG B 138 -26.39 -23.34 18.46
CA ARG B 138 -27.83 -23.72 18.41
C ARG B 138 -28.11 -24.62 17.19
N ARG B 139 -27.60 -24.25 16.02
CA ARG B 139 -27.88 -25.02 14.80
C ARG B 139 -27.17 -26.35 14.64
N LYS B 140 -25.99 -26.52 15.23
CA LYS B 140 -25.22 -27.78 15.15
C LYS B 140 -24.99 -28.22 13.71
N PHE B 141 -24.35 -27.36 12.95
CA PHE B 141 -24.00 -27.70 11.59
C PHE B 141 -23.08 -28.92 11.57
N ASP B 142 -23.20 -29.71 10.51
CA ASP B 142 -22.19 -30.76 10.17
C ASP B 142 -20.94 -30.17 9.58
N ILE B 143 -21.10 -29.11 8.78
CA ILE B 143 -19.93 -28.52 8.05
C ILE B 143 -20.12 -26.99 8.01
N LEU B 144 -19.05 -26.25 8.36
CA LEU B 144 -19.05 -24.82 8.23
C LEU B 144 -18.08 -24.36 7.14
N ILE B 145 -18.59 -23.52 6.25
CA ILE B 145 -17.80 -22.88 5.19
C ILE B 145 -17.89 -21.38 5.47
N GLU B 146 -16.76 -20.69 5.55
CA GLU B 146 -16.78 -19.29 5.97
C GLU B 146 -15.86 -18.46 5.11
N SER B 147 -16.20 -17.21 4.87
CA SER B 147 -15.21 -16.26 4.33
C SER B 147 -14.28 -15.90 5.48
N PRO B 148 -12.98 -15.92 5.26
CA PRO B 148 -12.05 -15.77 6.40
C PRO B 148 -12.00 -14.35 6.94
N SER B 149 -12.50 -13.36 6.19
CA SER B 149 -12.67 -12.02 6.73
C SER B 149 -13.63 -12.05 7.95
N ALA B 150 -14.48 -13.07 8.07
CA ALA B 150 -15.40 -13.18 9.23
C ALA B 150 -14.79 -13.62 10.55
N MET B 151 -13.54 -14.10 10.52
CA MET B 151 -12.70 -14.37 11.70
C MET B 151 -13.12 -15.56 12.59
N VAL B 152 -14.41 -15.78 12.77
CA VAL B 152 -14.90 -16.67 13.84
C VAL B 152 -14.80 -18.20 13.53
N GLY B 153 -14.82 -18.58 12.24
CA GLY B 153 -15.03 -19.96 11.83
C GLY B 153 -14.04 -20.97 12.35
N ILE B 154 -12.77 -20.60 12.33
CA ILE B 154 -11.72 -21.52 12.75
C ILE B 154 -11.84 -21.87 14.24
N HIS B 155 -12.39 -20.94 15.04
CA HIS B 155 -12.53 -21.12 16.49
C HIS B 155 -13.79 -21.90 16.81
N ILE B 156 -14.88 -21.53 16.16
CA ILE B 156 -16.17 -22.18 16.37
C ILE B 156 -16.10 -23.68 15.97
N THR B 157 -15.48 -23.96 14.82
CA THR B 157 -15.37 -25.35 14.35
C THR B 157 -14.48 -26.17 15.27
N GLU B 158 -13.48 -25.56 15.87
CA GLU B 158 -12.65 -26.23 16.88
C GLU B 158 -13.50 -26.59 18.14
N ALA B 159 -14.33 -25.66 18.59
CA ALA B 159 -15.19 -25.90 19.75
C ALA B 159 -16.24 -26.97 19.48
N LEU B 160 -16.81 -26.98 18.29
CA LEU B 160 -17.84 -27.96 17.93
C LEU B 160 -17.31 -29.25 17.27
N GLN B 161 -16.01 -29.27 16.94
CA GLN B 161 -15.31 -30.43 16.37
C GLN B 161 -15.88 -30.87 15.04
N ILE B 162 -16.05 -29.89 14.15
CA ILE B 162 -16.61 -30.16 12.83
C ILE B 162 -15.68 -29.70 11.72
N PRO B 163 -15.84 -30.31 10.54
CA PRO B 163 -15.05 -29.90 9.38
C PRO B 163 -15.31 -28.45 9.00
N TYR B 164 -14.24 -27.80 8.56
CA TYR B 164 -14.18 -26.39 8.26
C TYR B 164 -13.55 -26.17 6.91
N PHE B 165 -14.23 -25.35 6.08
CA PHE B 165 -13.70 -24.85 4.85
C PHE B 165 -13.73 -23.31 4.84
N ARG B 166 -12.72 -22.72 4.20
CA ARG B 166 -12.74 -21.33 3.83
C ARG B 166 -13.09 -21.17 2.37
N ALA B 167 -13.72 -20.05 2.04
CA ALA B 167 -13.99 -19.68 0.66
C ALA B 167 -13.80 -18.17 0.54
N PHE B 168 -13.18 -17.72 -0.55
CA PHE B 168 -13.01 -16.28 -0.73
C PHE B 168 -12.72 -15.94 -2.18
N THR B 169 -12.79 -14.65 -2.49
CA THR B 169 -12.73 -14.15 -3.83
C THR B 169 -11.52 -13.24 -4.08
N MET B 170 -10.55 -13.25 -3.20
CA MET B 170 -9.30 -12.46 -3.38
C MET B 170 -8.14 -13.18 -2.71
N PRO B 171 -6.90 -12.95 -3.17
CA PRO B 171 -5.76 -13.71 -2.65
C PRO B 171 -5.58 -13.56 -1.17
N TRP B 172 -5.56 -14.68 -0.49
CA TRP B 172 -5.55 -14.71 0.97
C TRP B 172 -4.74 -15.90 1.54
N THR B 173 -4.09 -16.68 0.71
CA THR B 173 -3.29 -17.80 1.19
C THR B 173 -1.87 -17.52 0.78
N ARG B 174 -0.92 -18.04 1.57
CA ARG B 174 0.50 -17.77 1.34
C ARG B 174 0.92 -18.31 0.01
N THR B 175 1.53 -17.49 -0.82
CA THR B 175 1.99 -17.92 -2.13
C THR B 175 2.95 -16.89 -2.62
N ARG B 176 3.88 -17.32 -3.45
CA ARG B 176 4.71 -16.39 -4.18
C ARG B 176 4.02 -15.77 -5.42
N ALA B 177 2.94 -16.36 -5.90
CA ALA B 177 2.40 -15.99 -7.21
C ALA B 177 1.64 -14.66 -7.15
N TYR B 178 1.07 -14.36 -5.97
CA TYR B 178 0.24 -13.19 -5.81
C TYR B 178 0.49 -12.56 -4.47
N PRO B 179 0.48 -11.22 -4.40
CA PRO B 179 0.55 -10.57 -3.09
C PRO B 179 -0.78 -10.73 -2.37
N HIS B 180 -0.77 -10.46 -1.07
CA HIS B 180 -2.04 -10.40 -0.35
C HIS B 180 -2.96 -9.33 -0.92
N ALA B 181 -4.24 -9.64 -0.99
CA ALA B 181 -5.29 -8.75 -1.52
C ALA B 181 -5.28 -7.31 -1.04
N PHE B 182 -4.90 -7.12 0.22
CA PHE B 182 -4.90 -5.80 0.84
C PHE B 182 -3.52 -5.14 0.84
N ILE B 183 -2.49 -5.79 0.26
CA ILE B 183 -1.12 -5.26 0.23
C ILE B 183 -0.58 -5.39 -1.20
N VAL B 184 -1.40 -5.03 -2.17
CA VAL B 184 -0.99 -5.07 -3.57
C VAL B 184 -0.06 -3.91 -3.86
N PRO B 185 1.18 -4.22 -4.33
CA PRO B 185 2.11 -3.11 -4.62
C PRO B 185 1.72 -2.29 -5.83
N ASP B 186 2.30 -1.10 -5.92
CA ASP B 186 2.07 -0.19 -7.06
C ASP B 186 2.27 -0.86 -8.42
N GLN B 187 3.39 -1.58 -8.57
CA GLN B 187 3.67 -2.44 -9.73
C GLN B 187 4.25 -3.74 -9.20
N LYS B 188 4.32 -4.73 -10.09
CA LYS B 188 4.70 -6.08 -9.67
C LYS B 188 6.08 -6.12 -9.03
N ARG B 189 6.18 -6.90 -7.95
CA ARG B 189 7.46 -7.15 -7.28
C ARG B 189 7.70 -8.68 -7.38
N GLY B 190 8.82 -9.15 -6.85
CA GLY B 190 9.13 -10.59 -6.98
C GLY B 190 8.25 -11.48 -6.09
N GLY B 191 8.44 -12.79 -6.25
CA GLY B 191 7.73 -13.77 -5.48
C GLY B 191 8.00 -13.76 -3.98
N ASN B 192 9.21 -13.45 -3.57
CA ASN B 192 9.53 -13.39 -2.15
C ASN B 192 8.75 -12.23 -1.48
N TYR B 193 8.70 -11.10 -2.19
CA TYR B 193 7.91 -9.97 -1.76
C TYR B 193 6.42 -10.37 -1.57
N ASN B 194 5.86 -11.01 -2.60
CA ASN B 194 4.46 -11.47 -2.52
C ASN B 194 4.25 -12.37 -1.28
N TYR B 195 5.10 -13.37 -1.12
CA TYR B 195 4.99 -14.31 0.00
C TYR B 195 5.00 -13.53 1.32
N LEU B 196 5.92 -12.60 1.43
CA LEU B 196 6.06 -11.83 2.66
C LEU B 196 4.87 -10.90 2.95
N THR B 197 4.19 -10.38 1.92
CA THR B 197 2.96 -9.66 2.18
C THR B 197 1.89 -10.52 2.84
N HIS B 198 1.82 -11.81 2.49
CA HIS B 198 0.87 -12.70 3.14
C HIS B 198 1.26 -12.94 4.60
N VAL B 199 2.55 -13.15 4.87
CA VAL B 199 3.00 -13.35 6.25
C VAL B 199 2.69 -12.09 7.07
N LEU B 200 2.96 -10.92 6.51
CA LEU B 200 2.72 -9.68 7.25
C LEU B 200 1.22 -9.55 7.55
N PHE B 201 0.40 -9.74 6.52
CA PHE B 201 -1.04 -9.58 6.71
C PHE B 201 -1.60 -10.53 7.80
N GLU B 202 -1.20 -11.78 7.73
CA GLU B 202 -1.68 -12.78 8.70
C GLU B 202 -1.35 -12.39 10.14
N ASN B 203 -0.15 -11.86 10.33
CA ASN B 203 0.28 -11.39 11.64
C ASN B 203 -0.47 -10.17 12.14
N VAL B 204 -0.66 -9.19 11.25
CA VAL B 204 -1.38 -7.97 11.58
C VAL B 204 -2.84 -8.25 11.94
N PHE B 205 -3.51 -9.00 11.08
CA PHE B 205 -4.90 -9.36 11.31
C PHE B 205 -5.09 -10.12 12.62
N TRP B 206 -4.28 -11.15 12.84
CA TRP B 206 -4.40 -11.95 14.06
C TRP B 206 -4.14 -11.10 15.29
N LYS B 207 -3.02 -10.39 15.32
CA LYS B 207 -2.66 -9.65 16.51
C LYS B 207 -3.59 -8.48 16.74
N GLY B 208 -4.25 -7.95 15.70
CA GLY B 208 -5.30 -6.97 15.89
C GLY B 208 -6.52 -7.47 16.69
N ILE B 209 -6.88 -8.74 16.55
CA ILE B 209 -8.09 -9.30 17.20
C ILE B 209 -7.81 -10.34 18.32
N SER B 210 -6.55 -10.76 18.48
CA SER B 210 -6.23 -11.91 19.28
C SER B 210 -6.66 -11.75 20.76
N GLY B 211 -6.50 -10.57 21.34
CA GLY B 211 -6.94 -10.30 22.73
C GLY B 211 -8.42 -10.65 22.94
N GLN B 212 -9.29 -10.07 22.12
CA GLN B 212 -10.69 -10.37 22.20
C GLN B 212 -11.09 -11.78 21.80
N VAL B 213 -10.45 -12.31 20.75
CA VAL B 213 -10.79 -13.66 20.32
C VAL B 213 -10.41 -14.65 21.43
N ASN B 214 -9.22 -14.48 22.01
CA ASN B 214 -8.79 -15.41 23.07
C ASN B 214 -9.64 -15.33 24.33
N LYS B 215 -10.16 -14.15 24.64
CA LYS B 215 -11.06 -14.02 25.80
C LYS B 215 -12.33 -14.80 25.54
N TRP B 216 -12.85 -14.74 24.32
CA TRP B 216 -14.06 -15.44 23.96
C TRP B 216 -13.82 -16.94 23.85
N ARG B 217 -12.69 -17.34 23.28
CA ARG B 217 -12.31 -18.71 23.26
C ARG B 217 -12.35 -19.34 24.67
N VAL B 218 -11.77 -18.65 25.66
CA VAL B 218 -11.69 -19.16 27.02
C VAL B 218 -13.06 -19.04 27.75
N GLU B 219 -13.65 -17.85 27.78
CA GLU B 219 -14.88 -17.60 28.54
C GLU B 219 -16.11 -18.27 27.94
N THR B 220 -16.17 -18.35 26.61
CA THR B 220 -17.41 -18.72 25.92
C THR B 220 -17.33 -20.05 25.19
N LEU B 221 -16.25 -20.29 24.48
CA LEU B 221 -16.13 -21.50 23.68
C LEU B 221 -15.63 -22.70 24.47
N GLY B 222 -15.04 -22.46 25.65
CA GLY B 222 -14.47 -23.51 26.45
C GLY B 222 -13.13 -24.03 25.97
N LEU B 223 -12.39 -23.25 25.19
CA LEU B 223 -11.13 -23.68 24.62
C LEU B 223 -10.01 -22.99 25.38
N GLY B 224 -8.76 -23.34 25.04
CA GLY B 224 -7.58 -22.62 25.52
C GLY B 224 -7.29 -21.44 24.59
N LYS B 225 -6.34 -20.61 24.96
CA LYS B 225 -5.89 -19.50 24.09
C LYS B 225 -5.15 -20.10 22.92
N THR B 226 -5.10 -19.36 21.83
CA THR B 226 -4.38 -19.79 20.65
C THR B 226 -3.49 -18.69 20.12
N ASN B 227 -2.76 -18.99 19.05
CA ASN B 227 -1.92 -18.00 18.38
C ASN B 227 -1.77 -18.51 16.97
N LEU B 228 -1.08 -17.73 16.13
CA LEU B 228 -0.99 -18.08 14.72
C LEU B 228 -0.33 -19.40 14.49
N PHE B 229 0.70 -19.66 15.30
CA PHE B 229 1.41 -20.91 15.21
C PHE B 229 0.51 -22.12 15.46
N LEU B 230 -0.32 -22.07 16.52
CA LEU B 230 -1.25 -23.14 16.80
C LEU B 230 -2.39 -23.24 15.78
N LEU B 231 -2.89 -22.10 15.28
CA LEU B 231 -4.02 -22.17 14.34
C LEU B 231 -3.66 -22.82 13.01
N GLN B 232 -2.42 -22.62 12.56
CA GLN B 232 -1.91 -23.26 11.33
C GLN B 232 -2.93 -23.05 10.16
N GLN B 233 -3.33 -21.79 9.99
CA GLN B 233 -4.41 -21.41 9.06
C GLN B 233 -4.21 -21.87 7.65
N ASN B 234 -2.95 -21.96 7.21
CA ASN B 234 -2.69 -22.41 5.84
C ASN B 234 -2.93 -23.90 5.54
N ASN B 235 -3.22 -24.70 6.57
CA ASN B 235 -3.75 -26.08 6.42
C ASN B 235 -5.17 -26.19 5.99
N VAL B 236 -5.97 -25.13 6.19
CA VAL B 236 -7.42 -25.26 6.11
C VAL B 236 -7.79 -25.30 4.59
N PRO B 237 -8.64 -26.25 4.18
CA PRO B 237 -9.09 -26.31 2.78
C PRO B 237 -9.73 -25.01 2.39
N PHE B 238 -9.39 -24.55 1.22
CA PHE B 238 -9.74 -23.22 0.80
C PHE B 238 -10.32 -23.25 -0.63
N LEU B 239 -11.52 -22.68 -0.80
CA LEU B 239 -12.14 -22.57 -2.14
C LEU B 239 -12.07 -21.14 -2.67
N TYR B 240 -11.24 -20.88 -3.64
CA TYR B 240 -11.24 -19.58 -4.32
C TYR B 240 -12.39 -19.62 -5.36
N ASN B 241 -13.50 -18.94 -5.07
CA ASN B 241 -14.66 -18.88 -5.95
C ASN B 241 -14.49 -17.80 -7.02
N VAL B 242 -13.44 -17.99 -7.81
CA VAL B 242 -13.04 -17.09 -8.91
C VAL B 242 -12.60 -17.99 -10.04
N SER B 243 -12.68 -17.50 -11.26
CA SER B 243 -12.19 -18.24 -12.42
C SER B 243 -10.66 -18.39 -12.37
N PRO B 244 -10.16 -19.59 -12.66
CA PRO B 244 -8.69 -19.73 -12.87
C PRO B 244 -8.11 -19.01 -14.10
N THR B 245 -8.94 -18.50 -15.00
CA THR B 245 -8.46 -17.58 -16.08
C THR B 245 -7.95 -16.28 -15.50
N ILE B 246 -8.62 -15.75 -14.47
CA ILE B 246 -8.20 -14.48 -13.85
C ILE B 246 -7.24 -14.75 -12.69
N PHE B 247 -7.45 -15.86 -11.98
CA PHE B 247 -6.65 -16.26 -10.84
C PHE B 247 -6.10 -17.66 -10.97
N PRO B 248 -5.12 -17.89 -11.85
CA PRO B 248 -4.73 -19.26 -11.99
C PRO B 248 -3.97 -19.81 -10.78
N PRO B 249 -4.18 -21.08 -10.45
CA PRO B 249 -3.43 -21.60 -9.31
C PRO B 249 -1.95 -21.62 -9.62
N SER B 250 -1.17 -21.42 -8.59
CA SER B 250 0.26 -21.54 -8.67
C SER B 250 0.71 -22.96 -8.36
N ILE B 251 1.87 -23.32 -8.85
CA ILE B 251 2.53 -24.58 -8.48
C ILE B 251 2.79 -24.66 -6.96
N ASP B 252 2.89 -23.53 -6.24
CA ASP B 252 3.06 -23.56 -4.79
C ASP B 252 1.77 -23.61 -3.94
N PHE B 253 0.59 -23.62 -4.56
CA PHE B 253 -0.68 -23.79 -3.85
C PHE B 253 -0.70 -25.21 -3.31
N SER B 254 -1.06 -25.35 -2.05
CA SER B 254 -1.26 -26.66 -1.49
C SER B 254 -2.41 -27.38 -2.19
N GLU B 255 -2.44 -28.71 -2.07
CA GLU B 255 -3.44 -29.53 -2.80
C GLU B 255 -4.90 -29.26 -2.29
N TRP B 256 -5.07 -28.78 -1.05
CA TRP B 256 -6.37 -28.41 -0.50
C TRP B 256 -6.80 -26.96 -0.79
N VAL B 257 -6.03 -26.22 -1.57
CA VAL B 257 -6.38 -24.86 -2.02
C VAL B 257 -6.82 -24.97 -3.45
N ARG B 258 -8.09 -24.67 -3.73
CA ARG B 258 -8.69 -24.96 -5.05
C ARG B 258 -9.27 -23.70 -5.68
N VAL B 259 -8.96 -23.45 -6.96
CA VAL B 259 -9.57 -22.28 -7.64
C VAL B 259 -10.74 -22.85 -8.43
N THR B 260 -11.98 -22.65 -7.95
CA THR B 260 -13.06 -23.47 -8.44
C THR B 260 -13.78 -22.95 -9.70
N GLY B 261 -13.67 -21.67 -10.00
CA GLY B 261 -14.60 -20.97 -10.88
C GLY B 261 -15.53 -20.12 -10.03
N TYR B 262 -16.10 -19.07 -10.65
CA TYR B 262 -17.09 -18.23 -10.04
C TYR B 262 -18.36 -19.03 -9.74
N TRP B 263 -19.05 -18.65 -8.67
CA TRP B 263 -20.33 -19.17 -8.28
C TRP B 263 -21.42 -18.16 -8.66
N PHE B 264 -21.91 -18.27 -9.89
CA PHE B 264 -22.84 -17.28 -10.43
C PHE B 264 -24.28 -17.53 -10.02
N LEU B 265 -25.01 -16.47 -9.72
CA LEU B 265 -26.37 -16.62 -9.23
C LEU B 265 -27.43 -16.71 -10.36
N ASP B 266 -27.25 -15.99 -11.43
CA ASP B 266 -28.21 -16.07 -12.58
C ASP B 266 -29.66 -15.59 -12.29
N ASP B 267 -29.88 -14.28 -12.31
CA ASP B 267 -31.22 -13.66 -12.13
C ASP B 267 -31.85 -13.02 -13.39
N LYS B 268 -31.22 -13.19 -14.56
CA LYS B 268 -31.68 -12.53 -15.82
C LYS B 268 -33.09 -12.90 -16.24
N SER B 269 -33.53 -14.14 -15.95
CA SER B 269 -34.84 -14.60 -16.43
C SER B 269 -36.05 -13.98 -15.69
N THR B 270 -35.88 -13.49 -14.47
CA THR B 270 -36.94 -12.78 -13.72
C THR B 270 -36.97 -11.24 -13.93
N PHE B 271 -35.95 -10.65 -14.55
CA PHE B 271 -35.80 -9.19 -14.57
C PHE B 271 -36.68 -8.58 -15.67
N LYS B 272 -37.50 -7.61 -15.29
CA LYS B 272 -38.35 -6.90 -16.23
C LYS B 272 -37.79 -5.52 -16.43
N PRO B 273 -37.16 -5.25 -17.58
CA PRO B 273 -36.54 -3.95 -17.75
C PRO B 273 -37.55 -2.81 -17.85
N PRO B 274 -37.31 -1.70 -17.14
CA PRO B 274 -38.22 -0.56 -17.26
C PRO B 274 -38.15 0.03 -18.67
N ALA B 275 -39.20 0.70 -19.08
CA ALA B 275 -39.31 1.31 -20.43
C ALA B 275 -38.15 2.25 -20.78
N GLU B 276 -37.73 3.10 -19.82
CA GLU B 276 -36.66 4.11 -20.06
C GLU B 276 -35.36 3.41 -20.50
N LEU B 277 -35.06 2.28 -19.88
CA LEU B 277 -33.86 1.51 -20.18
C LEU B 277 -33.92 0.87 -21.59
N GLN B 278 -35.05 0.30 -21.93
CA GLN B 278 -35.26 -0.29 -23.26
C GLN B 278 -35.12 0.74 -24.37
N GLU B 279 -35.79 1.89 -24.21
CA GLU B 279 -35.70 2.99 -25.16
C GLU B 279 -34.26 3.50 -25.33
N PHE B 280 -33.52 3.61 -24.22
CA PHE B 280 -32.15 4.07 -24.24
C PHE B 280 -31.22 3.14 -25.02
N ILE B 281 -31.29 1.85 -24.70
CA ILE B 281 -30.54 0.79 -25.38
C ILE B 281 -30.84 0.81 -26.87
N SER B 282 -32.12 0.86 -27.23
CA SER B 282 -32.54 0.89 -28.64
C SER B 282 -32.05 2.15 -29.37
N GLU B 283 -32.13 3.28 -28.68
CA GLU B 283 -31.60 4.53 -29.21
C GLU B 283 -30.09 4.50 -29.47
N ALA B 284 -29.30 4.05 -28.51
CA ALA B 284 -27.83 3.87 -28.71
C ALA B 284 -27.53 3.08 -29.99
N ARG B 285 -28.17 1.93 -30.11
CA ARG B 285 -27.93 1.04 -31.26
C ARG B 285 -28.44 1.69 -32.55
N SER B 286 -29.67 2.21 -32.54
CA SER B 286 -30.19 2.89 -33.76
C SER B 286 -29.27 4.03 -34.19
N LYS B 287 -28.60 4.70 -33.26
CA LYS B 287 -27.66 5.82 -33.60
C LYS B 287 -26.22 5.37 -33.88
N GLY B 288 -25.98 4.06 -33.85
CA GLY B 288 -24.64 3.51 -34.05
C GLY B 288 -23.58 3.88 -33.02
N LYS B 289 -24.01 4.19 -31.80
CA LYS B 289 -23.08 4.56 -30.72
C LYS B 289 -22.77 3.32 -29.91
N LYS B 290 -21.56 3.25 -29.39
CA LYS B 290 -21.17 2.17 -28.52
C LYS B 290 -21.90 2.40 -27.20
N LEU B 291 -22.14 1.34 -26.47
CA LEU B 291 -22.94 1.38 -25.27
C LEU B 291 -22.07 0.84 -24.13
N VAL B 292 -21.90 1.63 -23.08
CA VAL B 292 -21.01 1.31 -22.00
C VAL B 292 -21.78 1.38 -20.69
N TYR B 293 -21.46 0.49 -19.75
CA TYR B 293 -21.92 0.61 -18.38
C TYR B 293 -20.79 1.26 -17.59
N ILE B 294 -21.13 2.23 -16.74
CA ILE B 294 -20.22 2.79 -15.76
C ILE B 294 -20.83 2.68 -14.35
N GLY B 295 -20.10 2.07 -13.41
CA GLY B 295 -20.66 1.92 -12.06
C GLY B 295 -19.53 1.52 -11.13
N PHE B 296 -19.33 2.30 -10.10
CA PHE B 296 -18.22 2.02 -9.16
C PHE B 296 -18.67 1.44 -7.80
N GLY B 297 -19.91 0.94 -7.72
CA GLY B 297 -20.52 0.64 -6.46
C GLY B 297 -20.66 1.86 -5.54
N SER B 298 -20.81 1.55 -4.25
CA SER B 298 -20.92 2.56 -3.20
C SER B 298 -19.52 3.04 -2.78
N ILE B 299 -19.25 4.33 -2.94
CA ILE B 299 -17.98 4.93 -2.50
C ILE B 299 -18.19 6.35 -1.98
N VAL B 300 -17.26 6.75 -1.13
CA VAL B 300 -17.26 8.07 -0.57
C VAL B 300 -16.09 8.76 -1.20
N VAL B 301 -16.36 9.89 -1.85
CA VAL B 301 -15.33 10.68 -2.54
C VAL B 301 -15.24 12.10 -2.00
N SER B 302 -14.11 12.73 -2.31
CA SER B 302 -13.83 14.12 -1.88
C SER B 302 -14.76 15.17 -2.52
N ASN B 303 -15.11 15.01 -3.81
CA ASN B 303 -16.00 15.94 -4.52
C ASN B 303 -16.86 15.17 -5.52
N ALA B 304 -18.13 14.97 -5.19
CA ALA B 304 -19.06 14.12 -5.95
C ALA B 304 -19.38 14.71 -7.31
N LYS B 305 -19.66 16.01 -7.35
CA LYS B 305 -20.08 16.72 -8.56
C LYS B 305 -18.95 16.78 -9.57
N GLU B 306 -17.71 17.03 -9.11
CA GLU B 306 -16.54 17.03 -9.99
C GLU B 306 -16.32 15.68 -10.66
N MET B 307 -16.54 14.60 -9.91
CA MET B 307 -16.39 13.26 -10.46
C MET B 307 -17.44 13.00 -11.55
N THR B 308 -18.67 13.35 -11.25
CA THR B 308 -19.78 13.23 -12.19
C THR B 308 -19.47 14.03 -13.47
N GLU B 309 -19.01 15.26 -13.31
CA GLU B 309 -18.65 16.12 -14.47
C GLU B 309 -17.51 15.55 -15.32
N ALA B 310 -16.52 14.94 -14.67
CA ALA B 310 -15.44 14.29 -15.41
C ALA B 310 -15.97 13.07 -16.21
N LEU B 311 -16.87 12.27 -15.62
CA LEU B 311 -17.52 11.18 -16.36
C LEU B 311 -18.32 11.68 -17.55
N VAL B 312 -19.09 12.73 -17.37
CA VAL B 312 -19.89 13.34 -18.45
C VAL B 312 -19.00 13.80 -19.59
N GLU B 313 -17.94 14.53 -19.26
CA GLU B 313 -16.98 15.03 -20.25
C GLU B 313 -16.33 13.86 -21.02
N ALA B 314 -15.97 12.81 -20.29
CA ALA B 314 -15.33 11.64 -20.88
C ALA B 314 -16.25 10.91 -21.86
N VAL B 315 -17.49 10.68 -21.42
CA VAL B 315 -18.53 10.07 -22.25
C VAL B 315 -18.82 10.91 -23.52
N MET B 316 -18.82 12.24 -23.42
CA MET B 316 -19.01 13.10 -24.61
C MET B 316 -17.85 13.00 -25.61
N GLU B 317 -16.63 13.07 -25.09
CA GLU B 317 -15.41 12.97 -25.88
C GLU B 317 -15.31 11.62 -26.60
N ALA B 318 -15.53 10.50 -25.90
CA ALA B 318 -15.57 9.17 -26.56
C ALA B 318 -16.78 8.93 -27.47
N ASP B 319 -17.86 9.71 -27.29
CA ASP B 319 -19.04 9.69 -28.12
C ASP B 319 -19.76 8.33 -27.99
N VAL B 320 -19.93 7.93 -26.74
CA VAL B 320 -20.58 6.67 -26.39
C VAL B 320 -21.89 7.00 -25.66
N TYR B 321 -22.78 6.02 -25.56
CA TYR B 321 -23.95 6.10 -24.73
C TYR B 321 -23.62 5.35 -23.45
N CYS B 322 -24.01 5.93 -22.30
CA CYS B 322 -23.60 5.42 -21.02
C CYS B 322 -24.78 5.06 -20.14
N ILE B 323 -24.81 3.82 -19.68
CA ILE B 323 -25.74 3.43 -18.62
C ILE B 323 -24.95 3.57 -17.30
N LEU B 324 -25.38 4.51 -16.48
CA LEU B 324 -24.66 4.95 -15.31
C LEU B 324 -25.38 4.39 -14.07
N ASN B 325 -24.63 3.75 -13.19
CA ASN B 325 -25.15 3.29 -11.91
C ASN B 325 -24.36 4.03 -10.85
N LYS B 326 -24.80 5.26 -10.58
CA LYS B 326 -24.12 6.14 -9.62
C LYS B 326 -24.34 5.67 -8.17
N GLY B 327 -23.24 5.58 -7.42
CA GLY B 327 -23.26 5.28 -5.98
C GLY B 327 -22.23 6.05 -5.19
N TRP B 328 -21.63 7.08 -5.77
CA TRP B 328 -20.67 7.93 -5.06
C TRP B 328 -21.36 9.12 -4.41
N SER B 329 -20.84 9.51 -3.24
CA SER B 329 -21.24 10.74 -2.54
C SER B 329 -20.14 11.19 -1.56
N GLU B 330 -20.32 12.40 -1.02
CA GLU B 330 -19.38 13.04 -0.08
C GLU B 330 -19.46 12.42 1.34
N ARG B 331 -20.63 11.86 1.70
CA ARG B 331 -20.86 11.19 2.97
C ARG B 331 -21.70 9.93 2.66
N LEU B 332 -21.74 8.94 3.57
CA LEU B 332 -22.48 7.67 3.32
C LEU B 332 -24.00 7.82 3.00
N GLY B 333 -24.60 8.95 3.38
CA GLY B 333 -25.99 9.31 3.02
C GLY B 333 -26.27 9.62 1.54
N ASP B 334 -27.45 9.22 1.11
CA ASP B 334 -27.68 8.65 -0.24
C ASP B 334 -27.95 9.51 -1.51
N LYS B 335 -26.90 9.69 -2.34
CA LYS B 335 -27.05 10.09 -3.74
C LYS B 335 -26.69 8.92 -4.75
N ALA B 336 -27.73 8.16 -5.10
CA ALA B 336 -27.84 7.47 -6.37
C ALA B 336 -28.41 8.47 -7.43
N ALA B 337 -28.72 9.70 -7.02
CA ALA B 337 -29.28 10.72 -7.91
C ALA B 337 -28.16 11.65 -8.36
N LYS B 338 -28.37 12.37 -9.47
CA LYS B 338 -27.64 13.61 -9.74
C LYS B 338 -28.62 14.76 -9.91
N ASP B 343 -29.08 18.16 -15.47
CA ASP B 343 -27.72 17.70 -15.22
C ASP B 343 -27.29 16.84 -16.46
N LEU B 344 -27.75 15.59 -16.53
CA LEU B 344 -27.16 14.64 -17.49
C LEU B 344 -27.71 14.81 -18.90
N PRO B 345 -26.82 14.78 -19.92
CA PRO B 345 -27.27 14.79 -21.30
C PRO B 345 -28.00 13.50 -21.75
N ARG B 346 -28.49 13.58 -22.99
CA ARG B 346 -29.30 12.55 -23.64
C ARG B 346 -28.59 11.18 -23.73
N ASN B 347 -27.27 11.21 -23.89
CA ASN B 347 -26.46 9.98 -24.05
C ASN B 347 -26.03 9.31 -22.74
N ILE B 348 -26.61 9.74 -21.61
CA ILE B 348 -26.32 9.15 -20.31
C ILE B 348 -27.61 8.83 -19.59
N LEU B 349 -27.80 7.59 -19.16
CA LEU B 349 -28.98 7.23 -18.37
C LEU B 349 -28.59 6.78 -16.98
N ASN B 350 -29.03 7.51 -15.95
CA ASN B 350 -28.82 7.05 -14.56
C ASN B 350 -29.86 6.00 -14.21
N ILE B 351 -29.45 4.77 -14.06
CA ILE B 351 -30.35 3.70 -13.66
C ILE B 351 -29.94 3.24 -12.26
N GLY B 352 -30.81 2.54 -11.58
CA GLY B 352 -30.35 1.93 -10.33
C GLY B 352 -29.43 0.73 -10.56
N ASN B 353 -29.51 -0.19 -9.61
CA ASN B 353 -28.98 -1.50 -9.79
C ASN B 353 -29.89 -2.24 -10.79
N VAL B 354 -29.24 -2.93 -11.71
CA VAL B 354 -29.89 -3.82 -12.65
C VAL B 354 -29.09 -5.08 -12.59
N PRO B 355 -29.72 -6.26 -12.60
CA PRO B 355 -28.88 -7.45 -12.61
C PRO B 355 -27.88 -7.47 -13.79
N HIS B 356 -26.60 -7.67 -13.49
CA HIS B 356 -25.55 -7.58 -14.47
C HIS B 356 -25.60 -8.76 -15.46
N ASP B 357 -26.08 -9.92 -15.03
CA ASP B 357 -26.24 -11.00 -15.97
C ASP B 357 -27.28 -10.74 -17.06
N TRP B 358 -28.22 -9.82 -16.84
CA TRP B 358 -29.08 -9.32 -17.88
C TRP B 358 -28.43 -8.20 -18.71
N LEU B 359 -27.84 -7.25 -18.01
CA LEU B 359 -27.40 -6.00 -18.64
C LEU B 359 -26.08 -6.14 -19.38
N PHE B 360 -25.10 -6.83 -18.81
CA PHE B 360 -23.75 -6.88 -19.41
C PHE B 360 -23.72 -7.53 -20.81
N PRO B 361 -24.55 -8.51 -21.05
CA PRO B 361 -24.72 -9.04 -22.45
C PRO B 361 -25.24 -8.07 -23.44
N GLN B 362 -25.86 -6.98 -23.00
CA GLN B 362 -26.45 -5.98 -23.91
C GLN B 362 -25.55 -4.80 -24.22
N VAL B 363 -24.43 -4.64 -23.53
CA VAL B 363 -23.52 -3.52 -23.71
C VAL B 363 -22.22 -3.95 -24.40
N ASP B 364 -21.41 -2.97 -24.78
CA ASP B 364 -20.13 -3.18 -25.50
C ASP B 364 -18.91 -3.15 -24.58
N ALA B 365 -19.02 -2.47 -23.45
CA ALA B 365 -17.91 -2.39 -22.49
C ALA B 365 -18.39 -1.99 -21.15
N ALA B 366 -17.55 -2.16 -20.12
CA ALA B 366 -17.92 -1.74 -18.78
C ALA B 366 -16.75 -1.04 -18.09
N VAL B 367 -17.06 -0.04 -17.28
CA VAL B 367 -16.12 0.67 -16.46
C VAL B 367 -16.62 0.45 -15.03
N HIS B 368 -15.76 -0.05 -14.17
CA HIS B 368 -16.15 -0.29 -12.81
C HIS B 368 -14.97 -0.27 -11.82
N HIS B 369 -15.27 -0.65 -10.60
CA HIS B 369 -14.34 -0.54 -9.48
C HIS B 369 -13.42 -1.75 -9.31
N GLY B 370 -13.67 -2.84 -10.03
CA GLY B 370 -12.85 -4.01 -9.95
C GLY B 370 -13.18 -4.87 -8.75
N GLY B 371 -14.33 -4.69 -8.13
CA GLY B 371 -14.78 -5.66 -7.15
C GLY B 371 -14.74 -7.07 -7.75
N SER B 372 -14.49 -8.07 -6.93
N SER B 372 -14.45 -8.05 -7.01
CA SER B 372 -14.28 -9.43 -7.47
CA SER B 372 -14.24 -9.41 -7.56
C SER B 372 -15.50 -9.95 -8.22
C SER B 372 -15.45 -9.92 -8.31
N GLY B 373 -16.67 -9.74 -7.66
CA GLY B 373 -17.91 -10.20 -8.28
C GLY B 373 -18.23 -9.44 -9.56
N THR B 374 -18.06 -8.12 -9.51
CA THR B 374 -18.35 -7.32 -10.67
C THR B 374 -17.37 -7.64 -11.83
N THR B 375 -16.11 -7.86 -11.50
CA THR B 375 -15.12 -8.29 -12.49
C THR B 375 -15.50 -9.61 -13.14
N GLY B 376 -15.90 -10.59 -12.33
CA GLY B 376 -16.42 -11.83 -12.85
C GLY B 376 -17.60 -11.64 -13.78
N ALA B 377 -18.52 -10.76 -13.43
CA ALA B 377 -19.67 -10.51 -14.32
C ALA B 377 -19.24 -9.89 -15.69
N SER B 378 -18.32 -8.92 -15.67
CA SER B 378 -17.89 -8.28 -16.95
C SER B 378 -17.05 -9.25 -17.83
N LEU B 379 -16.22 -10.07 -17.20
CA LEU B 379 -15.44 -11.11 -17.89
C LEU B 379 -16.36 -12.22 -18.46
N ARG B 380 -17.31 -12.68 -17.64
CA ARG B 380 -18.31 -13.66 -18.09
C ARG B 380 -19.05 -13.19 -19.31
N ALA B 381 -19.32 -11.89 -19.40
CA ALA B 381 -20.05 -11.36 -20.54
C ALA B 381 -19.16 -10.97 -21.69
N GLY B 382 -17.86 -11.19 -21.58
CA GLY B 382 -16.93 -10.84 -22.66
C GLY B 382 -16.80 -9.39 -22.96
N LEU B 383 -16.86 -8.53 -21.92
CA LEU B 383 -16.76 -7.11 -22.13
C LEU B 383 -15.33 -6.64 -21.92
N PRO B 384 -14.80 -5.84 -22.83
CA PRO B 384 -13.60 -5.10 -22.46
C PRO B 384 -13.89 -4.21 -21.24
N THR B 385 -12.98 -4.26 -20.26
CA THR B 385 -13.28 -3.78 -18.92
C THR B 385 -12.26 -2.73 -18.41
N VAL B 386 -12.71 -1.51 -18.18
CA VAL B 386 -11.91 -0.46 -17.56
C VAL B 386 -12.15 -0.49 -16.02
N ILE B 387 -11.07 -0.60 -15.24
CA ILE B 387 -11.17 -0.64 -13.80
C ILE B 387 -10.45 0.56 -13.20
N LYS B 388 -11.18 1.29 -12.37
CA LYS B 388 -10.63 2.33 -11.52
C LYS B 388 -10.77 1.82 -10.11
N PRO B 389 -9.68 1.29 -9.53
CA PRO B 389 -9.73 0.75 -8.19
C PRO B 389 -9.78 1.80 -7.13
N PHE B 390 -10.47 1.51 -6.02
CA PHE B 390 -10.55 2.42 -4.87
C PHE B 390 -9.94 1.81 -3.61
N PHE B 391 -10.24 0.56 -3.33
CA PHE B 391 -9.84 -0.04 -2.06
C PHE B 391 -9.53 -1.54 -2.23
N GLY B 392 -8.50 -2.02 -1.52
CA GLY B 392 -8.36 -3.44 -1.28
C GLY B 392 -8.12 -4.29 -2.50
N ASP B 393 -8.90 -5.37 -2.64
CA ASP B 393 -8.69 -6.28 -3.76
C ASP B 393 -9.02 -5.69 -5.13
N GLN B 394 -9.65 -4.53 -5.18
CA GLN B 394 -9.88 -3.84 -6.46
C GLN B 394 -8.57 -3.59 -7.17
N PHE B 395 -7.51 -3.32 -6.38
CA PHE B 395 -6.19 -3.11 -6.98
C PHE B 395 -5.61 -4.38 -7.56
N PHE B 396 -5.89 -5.51 -6.92
CA PHE B 396 -5.50 -6.80 -7.45
C PHE B 396 -6.16 -7.09 -8.80
N TYR B 397 -7.48 -6.95 -8.84
CA TYR B 397 -8.20 -7.22 -10.12
C TYR B 397 -7.90 -6.21 -11.20
N ALA B 398 -7.65 -4.97 -10.87
CA ALA B 398 -7.23 -3.98 -11.86
C ALA B 398 -5.97 -4.43 -12.58
N GLY B 399 -4.97 -4.90 -11.83
CA GLY B 399 -3.75 -5.39 -12.46
C GLY B 399 -4.00 -6.65 -13.31
N ARG B 400 -4.84 -7.57 -12.80
CA ARG B 400 -5.09 -8.84 -13.48
C ARG B 400 -5.79 -8.65 -14.84
N VAL B 401 -6.76 -7.73 -14.92
CA VAL B 401 -7.43 -7.47 -16.21
C VAL B 401 -6.47 -6.92 -17.27
N GLU B 402 -5.56 -6.03 -16.83
CA GLU B 402 -4.54 -5.50 -17.71
C GLU B 402 -3.60 -6.58 -18.19
N ASP B 403 -3.14 -7.41 -17.26
CA ASP B 403 -2.23 -8.55 -17.53
C ASP B 403 -2.80 -9.58 -18.47
N ILE B 404 -4.09 -9.89 -18.34
CA ILE B 404 -4.66 -10.89 -19.27
C ILE B 404 -5.13 -10.24 -20.58
N GLY B 405 -5.03 -8.93 -20.69
CA GLY B 405 -5.30 -8.21 -21.94
C GLY B 405 -6.79 -7.95 -22.23
N VAL B 406 -7.65 -8.01 -21.22
CA VAL B 406 -9.06 -7.76 -21.44
C VAL B 406 -9.53 -6.39 -21.00
N GLY B 407 -8.65 -5.60 -20.48
CA GLY B 407 -9.04 -4.28 -20.01
C GLY B 407 -7.93 -3.36 -19.64
N ILE B 408 -8.30 -2.23 -19.05
CA ILE B 408 -7.37 -1.15 -18.74
C ILE B 408 -7.52 -0.79 -17.25
N ALA B 409 -6.40 -0.62 -16.55
CA ALA B 409 -6.37 -0.20 -15.17
C ALA B 409 -6.13 1.30 -15.16
N LEU B 410 -7.09 2.05 -14.64
CA LEU B 410 -6.91 3.51 -14.46
C LEU B 410 -6.21 3.76 -13.17
N LYS B 411 -5.13 4.52 -13.23
CA LYS B 411 -4.43 4.96 -12.03
C LYS B 411 -5.16 6.22 -11.48
N LYS B 412 -5.36 7.17 -12.39
CA LYS B 412 -6.00 8.43 -12.13
C LYS B 412 -7.31 8.43 -12.93
N LEU B 413 -8.41 8.85 -12.29
CA LEU B 413 -9.70 9.06 -12.96
C LEU B 413 -9.92 10.58 -13.25
N ASN B 414 -9.84 10.96 -14.52
CA ASN B 414 -10.24 12.30 -14.93
C ASN B 414 -10.83 12.20 -16.31
N ALA B 415 -11.39 13.31 -16.79
CA ALA B 415 -11.99 13.34 -18.11
C ALA B 415 -11.11 12.79 -19.23
N GLN B 416 -9.80 13.01 -19.17
CA GLN B 416 -8.91 12.56 -20.24
C GLN B 416 -8.56 11.10 -20.14
N THR B 417 -8.19 10.62 -18.95
CA THR B 417 -7.80 9.20 -18.85
C THR B 417 -8.98 8.29 -19.19
N LEU B 418 -10.17 8.69 -18.74
CA LEU B 418 -11.37 7.89 -18.98
C LEU B 418 -11.80 7.94 -20.44
N ALA B 419 -11.72 9.10 -21.08
CA ALA B 419 -12.03 9.20 -22.51
C ALA B 419 -11.11 8.31 -23.38
N ASP B 420 -9.82 8.37 -23.11
CA ASP B 420 -8.86 7.48 -23.80
C ASP B 420 -9.20 6.01 -23.59
N ALA B 421 -9.47 5.64 -22.35
CA ALA B 421 -9.80 4.25 -22.01
C ALA B 421 -11.09 3.78 -22.67
N LEU B 422 -12.09 4.65 -22.70
CA LEU B 422 -13.36 4.32 -23.34
C LEU B 422 -13.19 4.11 -24.86
N LYS B 423 -12.33 4.93 -25.50
CA LYS B 423 -11.95 4.70 -26.89
C LYS B 423 -11.28 3.36 -27.13
N VAL B 424 -10.33 2.98 -26.29
CA VAL B 424 -9.65 1.71 -26.49
C VAL B 424 -10.61 0.52 -26.24
N ALA B 425 -11.39 0.63 -25.17
CA ALA B 425 -12.29 -0.45 -24.76
C ALA B 425 -13.42 -0.69 -25.74
N THR B 426 -13.88 0.35 -26.44
CA THR B 426 -14.97 0.18 -27.39
C THR B 426 -14.50 -0.03 -28.83
N THR B 427 -13.21 0.18 -29.14
CA THR B 427 -12.73 0.02 -30.52
C THR B 427 -11.54 -0.91 -30.77
N ASN B 428 -10.79 -1.34 -29.75
CA ASN B 428 -9.59 -2.13 -29.95
C ASN B 428 -10.03 -3.58 -30.23
N LYS B 429 -9.76 -4.05 -31.45
CA LYS B 429 -10.15 -5.41 -31.89
C LYS B 429 -9.46 -6.51 -31.09
N ILE B 430 -8.16 -6.35 -30.82
CA ILE B 430 -7.42 -7.32 -30.06
C ILE B 430 -8.03 -7.52 -28.66
N MET B 431 -8.41 -6.44 -28.01
CA MET B 431 -8.98 -6.49 -26.68
C MET B 431 -10.36 -7.14 -26.72
N LYS B 432 -11.20 -6.79 -27.69
CA LYS B 432 -12.50 -7.47 -27.84
C LYS B 432 -12.37 -8.99 -28.11
N ASP B 433 -11.48 -9.37 -29.01
CA ASP B 433 -11.13 -10.80 -29.17
C ASP B 433 -10.66 -11.51 -27.89
N ARG B 434 -9.72 -10.88 -27.16
CA ARG B 434 -9.28 -11.44 -25.92
C ARG B 434 -10.45 -11.56 -24.94
N ALA B 435 -11.33 -10.54 -24.86
CA ALA B 435 -12.52 -10.62 -23.99
C ALA B 435 -13.45 -11.78 -24.39
N GLY B 436 -13.59 -12.02 -25.70
CA GLY B 436 -14.38 -13.15 -26.19
C GLY B 436 -13.82 -14.50 -25.79
N LEU B 437 -12.50 -14.63 -25.90
CA LEU B 437 -11.83 -15.86 -25.53
C LEU B 437 -11.99 -16.09 -24.03
N ILE B 438 -11.86 -15.06 -23.20
CA ILE B 438 -12.06 -15.22 -21.75
C ILE B 438 -13.50 -15.64 -21.41
N LYS B 439 -14.47 -15.06 -22.11
CA LYS B 439 -15.88 -15.49 -22.02
C LYS B 439 -16.02 -16.97 -22.30
N LYS B 440 -15.38 -17.43 -23.35
CA LYS B 440 -15.41 -18.86 -23.69
C LYS B 440 -14.84 -19.70 -22.56
N LYS B 441 -13.68 -19.33 -22.04
CA LYS B 441 -13.05 -20.11 -20.95
C LYS B 441 -13.93 -20.15 -19.65
N ILE B 442 -14.49 -19.00 -19.27
CA ILE B 442 -15.44 -18.92 -18.14
C ILE B 442 -16.69 -19.74 -18.34
N SER B 443 -17.24 -19.72 -19.53
CA SER B 443 -18.44 -20.49 -19.83
C SER B 443 -18.26 -21.99 -19.75
N LYS B 444 -17.04 -22.48 -19.98
CA LYS B 444 -16.72 -23.89 -19.87
C LYS B 444 -16.44 -24.37 -18.45
N GLU B 445 -16.25 -23.45 -17.51
CA GLU B 445 -16.12 -23.81 -16.10
C GLU B 445 -17.53 -23.98 -15.50
N ASP B 446 -17.64 -24.82 -14.48
CA ASP B 446 -18.85 -24.91 -13.68
C ASP B 446 -18.40 -24.81 -12.26
N GLY B 447 -18.34 -23.57 -11.77
CA GLY B 447 -17.76 -23.30 -10.49
C GLY B 447 -18.47 -23.99 -9.34
N ILE B 448 -19.78 -24.07 -9.42
CA ILE B 448 -20.57 -24.67 -8.36
C ILE B 448 -20.29 -26.15 -8.26
N LYS B 449 -20.37 -26.82 -9.40
CA LYS B 449 -20.14 -28.26 -9.43
C LYS B 449 -18.71 -28.60 -9.02
N THR B 450 -17.76 -27.78 -9.48
CA THR B 450 -16.36 -27.96 -9.09
C THR B 450 -16.19 -27.82 -7.58
N ALA B 451 -16.82 -26.80 -6.99
CA ALA B 451 -16.73 -26.56 -5.57
C ALA B 451 -17.34 -27.67 -4.76
N ILE B 452 -18.52 -28.14 -5.16
CA ILE B 452 -19.19 -29.26 -4.46
C ILE B 452 -18.30 -30.52 -4.52
N SER B 453 -17.74 -30.84 -5.71
CA SER B 453 -16.86 -31.99 -5.78
C SER B 453 -15.64 -31.83 -4.86
N ALA B 454 -15.10 -30.61 -4.82
CA ALA B 454 -13.92 -30.30 -4.01
C ALA B 454 -14.29 -30.49 -2.53
N ILE B 455 -15.51 -30.10 -2.15
CA ILE B 455 -15.95 -30.30 -0.78
C ILE B 455 -15.96 -31.77 -0.40
N TYR B 456 -16.60 -32.58 -1.23
CA TYR B 456 -16.68 -34.02 -0.97
C TYR B 456 -15.25 -34.65 -0.97
N ASN B 457 -14.41 -34.22 -1.92
CA ASN B 457 -13.04 -34.77 -2.05
C ASN B 457 -12.13 -34.39 -0.85
N GLU B 458 -12.37 -33.21 -0.27
CA GLU B 458 -11.54 -32.72 0.86
C GLU B 458 -12.18 -32.91 2.23
N LEU B 459 -13.37 -33.46 2.29
CA LEU B 459 -14.12 -33.50 3.58
C LEU B 459 -13.38 -34.20 4.67
N GLU B 460 -12.83 -35.37 4.39
CA GLU B 460 -12.12 -36.13 5.43
C GLU B 460 -10.88 -35.37 5.92
N TYR B 461 -10.16 -34.75 4.99
CA TYR B 461 -9.01 -33.88 5.30
C TYR B 461 -9.50 -32.69 6.15
N ALA B 462 -10.59 -32.07 5.74
CA ALA B 462 -11.14 -30.95 6.55
C ALA B 462 -11.49 -31.35 7.99
N ARG B 463 -12.04 -32.53 8.16
CA ARG B 463 -12.30 -33.07 9.52
C ARG B 463 -10.97 -33.23 10.31
N SER B 464 -9.98 -33.79 9.64
CA SER B 464 -8.71 -34.06 10.24
C SER B 464 -7.99 -32.79 10.69
N VAL B 465 -8.12 -31.71 9.91
CA VAL B 465 -7.51 -30.45 10.26
C VAL B 465 -8.13 -29.87 11.51
N THR B 466 -9.46 -29.90 11.59
CA THR B 466 -10.10 -29.44 12.80
C THR B 466 -9.61 -30.21 14.01
N LEU B 467 -9.62 -31.54 13.92
CA LEU B 467 -9.24 -32.39 15.06
C LEU B 467 -7.80 -32.19 15.54
N SER B 468 -6.88 -31.81 14.65
CA SER B 468 -5.50 -31.48 15.05
C SER B 468 -5.41 -30.27 15.97
N ARG B 469 -6.38 -29.35 15.91
CA ARG B 469 -6.46 -28.22 16.81
C ARG B 469 -7.14 -28.59 18.13
N VAL B 470 -7.96 -29.61 18.12
CA VAL B 470 -8.73 -30.03 19.26
C VAL B 470 -7.81 -30.65 20.31
N LYS B 471 -8.03 -30.26 21.54
CA LYS B 471 -7.44 -30.91 22.73
C LYS B 471 -7.70 -32.41 22.76
N THR B 472 -6.63 -33.20 22.78
CA THR B 472 -6.75 -34.60 23.07
C THR B 472 -7.23 -34.81 24.54
N PRO B 473 -8.36 -35.50 24.77
CA PRO B 473 -8.77 -35.82 26.14
C PRO B 473 -7.72 -36.59 26.93
N1 UPG C . 23.26 12.84 -4.22
C2 UPG C . 24.20 13.60 -4.95
N3 UPG C . 24.69 13.12 -6.10
C4 UPG C . 24.34 11.92 -6.57
C5 UPG C . 23.41 11.13 -5.88
C6 UPG C . 22.88 11.63 -4.69
O2 UPG C . 24.58 14.74 -4.57
O4 UPG C . 24.81 11.53 -7.65
C1C UPG C . 22.71 13.36 -2.98
C2C UPG C . 21.29 13.85 -3.16
O2C UPG C . 21.22 15.15 -3.76
C3C UPG C . 20.80 13.79 -1.73
C4C UPG C . 21.42 12.48 -1.27
O4C UPG C . 22.66 12.33 -1.97
O3C UPG C . 21.20 14.89 -0.85
C5C UPG C . 20.48 11.33 -1.55
O5C UPG C . 19.34 11.49 -0.71
PA UPG C . 18.03 10.55 -0.85
O1A UPG C . 17.42 10.65 -2.20
O2A UPG C . 17.21 10.93 0.41
O3A UPG C . 18.78 9.18 -0.52
PB UPG C . 18.67 7.72 -1.20
O1B UPG C . 19.58 6.95 -0.30
O2B UPG C . 18.96 7.91 -2.68
O3B UPG C . 17.13 7.36 -0.93
C1' UPG C . 16.72 6.43 0.10
C2' UPG C . 15.29 5.92 -0.17
C3' UPG C . 14.37 7.12 -0.19
C4' UPG C . 14.41 7.86 1.14
C5' UPG C . 15.86 8.19 1.55
C6' UPG C . 15.93 8.65 2.99
O2' UPG C . 15.26 5.26 -1.42
O3' UPG C . 13.02 6.77 -0.52
O4' UPG C . 13.65 9.07 1.00
O5' UPG C . 16.75 7.08 1.37
O6' UPG C . 15.63 7.51 3.82
N1 UPG D . -24.45 -6.47 -9.17
C2 UPG D . -25.43 -6.47 -10.17
N3 UPG D . -25.98 -5.29 -10.49
C4 UPG D . -25.65 -4.10 -9.92
C5 UPG D . -24.66 -4.08 -8.92
C6 UPG D . -24.08 -5.29 -8.57
O2 UPG D . -25.78 -7.54 -10.74
O4 UPG D . -26.20 -3.03 -10.27
C1C UPG D . -23.81 -7.74 -8.80
C2C UPG D . -22.44 -7.88 -9.48
O2C UPG D . -22.44 -8.37 -10.81
C3C UPG D . -21.70 -8.81 -8.53
C4C UPG D . -22.24 -8.38 -7.18
O4C UPG D . -23.52 -7.77 -7.39
O3C UPG D . -22.02 -10.19 -8.78
C5C UPG D . -21.33 -7.35 -6.51
O5C UPG D . -20.12 -8.05 -6.25
PA UPG D . -18.72 -7.36 -5.90
O1A UPG D . -18.27 -6.36 -6.92
O2A UPG D . -17.92 -8.61 -5.52
O3A UPG D . -19.30 -6.66 -4.61
PB UPG D . -19.07 -5.22 -4.06
O1B UPG D . -19.39 -4.21 -5.17
O2B UPG D . -19.88 -5.42 -2.79
O3B UPG D . -17.52 -5.12 -3.73
C1' UPG D . -16.96 -5.28 -2.41
C2' UPG D . -15.54 -4.70 -2.50
C3' UPG D . -14.73 -5.51 -3.49
C4' UPG D . -14.70 -6.99 -3.09
C5' UPG D . -16.11 -7.52 -2.86
C6' UPG D . -16.06 -8.93 -2.29
O2' UPG D . -15.57 -3.34 -2.96
O3' UPG D . -13.40 -5.01 -3.57
O4' UPG D . -14.04 -7.72 -4.15
O5' UPG D . -16.90 -6.67 -2.01
O6' UPG D . -15.68 -8.86 -0.90
#